data_8KG1
#
_entry.id   8KG1
#
_cell.length_a   112.092
_cell.length_b   112.092
_cell.length_c   120.813
_cell.angle_alpha   90.00
_cell.angle_beta   90.00
_cell.angle_gamma   120.00
#
_symmetry.space_group_name_H-M   'P 31 2 1'
#
loop_
_entity.id
_entity.type
_entity.pdbx_description
1 polymer 'cysteine desulfurase'
2 water water
#
_entity_poly.entity_id   1
_entity_poly.type   'polypeptide(L)'
_entity_poly.pdbx_seq_one_letter_code
;AHQPVPQFPDRHEIFDVNAIRADFPILRETVNGKPLIWFDNAATTQKPQAVIDRLSHFYAHENSNIHRAAHELAARATDA
YEDAREAVRRFIGAAKAEEIIFLRGTTEAINLVAHAWGGKHLGPGDEIVITHLEHHANIVPWQLLSRQTGAVLKVAPVDD
AGNLLLGEFEDLLGPRTKLVAATQVSNALGTVTPVETIVELGHRYGARVLIDGAQSIPHMPIDVAALGADFFVFSGH
(LLP)IYGPTGIGVLYGREDALAETPPWQGGGNMIADVTLERSLYQGPPNKFEAGTGNIADAVGLGEAIRYVERVGIERI
AAYEHALLEYATPRLAAIPGVRIVGTAQEKASVLSFVLAGHEPLEVGKALNAEGIAVRAGHHCAQPILRRMGLEATVRPS
FAFYNTFDEIDVFIDAVRRIAEGSVDYKDDDDK
;
_entity_poly.pdbx_strand_id   A,B
#
# COMPACT_ATOMS: atom_id res chain seq x y z
N ARG A 11 -15.06 10.60 27.85
CA ARG A 11 -15.91 9.45 27.56
C ARG A 11 -15.11 8.16 27.65
N HIS A 12 -15.84 7.05 27.70
CA HIS A 12 -15.29 5.69 27.67
C HIS A 12 -14.44 5.36 28.89
N GLU A 13 -14.53 6.15 29.96
CA GLU A 13 -14.01 5.70 31.24
C GLU A 13 -14.65 4.37 31.64
N ILE A 14 -15.98 4.32 31.59
CA ILE A 14 -16.75 3.09 31.74
C ILE A 14 -17.17 2.62 30.36
N PHE A 15 -17.27 1.30 30.19
CA PHE A 15 -17.68 0.72 28.91
C PHE A 15 -19.21 0.78 28.77
N ASP A 16 -19.68 1.39 27.69
CA ASP A 16 -21.12 1.38 27.39
C ASP A 16 -21.27 1.29 25.88
N VAL A 17 -21.96 0.26 25.41
CA VAL A 17 -21.93 0.02 23.97
C VAL A 17 -22.62 1.14 23.19
N ASN A 18 -23.63 1.81 23.76
CA ASN A 18 -24.26 2.88 22.98
C ASN A 18 -23.36 4.10 22.87
N ALA A 19 -22.66 4.45 23.96
CA ALA A 19 -21.64 5.49 23.87
C ALA A 19 -20.61 5.16 22.80
N ILE A 20 -20.12 3.91 22.78
CA ILE A 20 -19.12 3.51 21.79
C ILE A 20 -19.68 3.63 20.38
N ARG A 21 -20.89 3.08 20.16
CA ARG A 21 -21.50 3.09 18.84
C ARG A 21 -21.65 4.50 18.30
N ALA A 22 -21.90 5.46 19.19
CA ALA A 22 -22.08 6.84 18.75
C ALA A 22 -20.84 7.41 18.08
N ASP A 23 -19.65 6.82 18.33
CA ASP A 23 -18.43 7.27 17.67
C ASP A 23 -18.32 6.81 16.21
N PHE A 24 -19.17 5.88 15.77
CA PHE A 24 -19.04 5.26 14.46
C PHE A 24 -20.15 5.76 13.56
N PRO A 25 -19.91 6.78 12.71
CA PRO A 25 -21.03 7.40 11.98
C PRO A 25 -21.78 6.44 11.06
N ILE A 26 -21.09 5.49 10.42
CA ILE A 26 -21.77 4.62 9.47
C ILE A 26 -22.80 3.74 10.15
N LEU A 27 -22.73 3.60 11.47
CA LEU A 27 -23.70 2.76 12.18
C LEU A 27 -25.09 3.38 12.23
N ARG A 28 -25.25 4.64 11.83
CA ARG A 28 -26.58 5.21 11.71
C ARG A 28 -27.10 5.12 10.28
N GLU A 29 -26.38 4.47 9.39
CA GLU A 29 -26.83 4.33 8.02
C GLU A 29 -28.01 3.35 7.93
N THR A 30 -28.78 3.51 6.85
CA THR A 30 -30.00 2.74 6.63
C THR A 30 -29.82 1.84 5.41
N VAL A 31 -30.36 0.63 5.48
CA VAL A 31 -30.26 -0.35 4.40
C VAL A 31 -31.67 -0.82 4.09
N ASN A 32 -32.14 -0.56 2.86
CA ASN A 32 -33.47 -1.00 2.44
C ASN A 32 -34.55 -0.47 3.38
N GLY A 33 -34.36 0.71 3.95
CA GLY A 33 -35.30 1.23 4.91
C GLY A 33 -35.15 0.71 6.32
N LYS A 34 -34.19 -0.19 6.56
CA LYS A 34 -33.95 -0.80 7.86
C LYS A 34 -32.62 -0.33 8.44
N PRO A 35 -32.45 -0.39 9.76
CA PRO A 35 -31.14 -0.08 10.33
C PRO A 35 -30.08 -1.05 9.83
N LEU A 36 -28.90 -0.50 9.56
CA LEU A 36 -27.75 -1.34 9.25
C LEU A 36 -27.35 -2.13 10.48
N ILE A 37 -27.05 -3.41 10.27
CA ILE A 37 -26.47 -4.26 11.31
C ILE A 37 -25.19 -4.85 10.73
N TRP A 38 -24.04 -4.35 11.19
CA TRP A 38 -22.75 -4.72 10.60
C TRP A 38 -22.21 -5.94 11.33
N PHE A 39 -22.48 -7.14 10.76
CA PHE A 39 -21.91 -8.40 11.22
C PHE A 39 -20.85 -8.92 10.26
N ASP A 40 -20.11 -8.04 9.58
CA ASP A 40 -19.10 -8.44 8.58
C ASP A 40 -17.71 -8.01 9.01
N ASN A 41 -17.49 -7.98 10.33
CA ASN A 41 -16.25 -7.45 10.89
C ASN A 41 -15.02 -8.26 10.53
N ALA A 42 -15.16 -9.57 10.32
CA ALA A 42 -14.04 -10.39 9.90
C ALA A 42 -13.58 -10.06 8.48
N ALA A 43 -14.41 -9.39 7.69
CA ALA A 43 -14.00 -8.90 6.37
C ALA A 43 -13.39 -7.51 6.47
N THR A 44 -14.11 -6.56 7.10
CA THR A 44 -13.51 -5.28 7.46
C THR A 44 -14.36 -4.65 8.55
N THR A 45 -13.77 -3.70 9.27
CA THR A 45 -14.46 -3.01 10.36
C THR A 45 -14.83 -1.59 9.96
N GLN A 46 -15.75 -1.01 10.71
CA GLN A 46 -16.15 0.37 10.52
C GLN A 46 -15.31 1.30 11.37
N LYS A 47 -15.31 2.61 11.00
CA LYS A 47 -14.28 3.52 11.56
C LYS A 47 -14.86 4.51 12.55
N PRO A 48 -14.17 4.79 13.64
CA PRO A 48 -14.59 5.90 14.52
C PRO A 48 -14.33 7.24 13.86
N GLN A 49 -15.17 8.22 14.21
CA GLN A 49 -15.02 9.57 13.67
C GLN A 49 -13.59 10.09 13.87
N ALA A 50 -12.95 9.74 14.98
CA ALA A 50 -11.61 10.24 15.25
C ALA A 50 -10.61 9.77 14.17
N VAL A 51 -10.76 8.56 13.64
CA VAL A 51 -9.88 8.10 12.57
C VAL A 51 -10.11 8.91 11.30
N ILE A 52 -11.38 9.04 10.89
CA ILE A 52 -11.77 9.84 9.73
C ILE A 52 -11.23 11.26 9.85
N ASP A 53 -11.41 11.87 11.03
CA ASP A 53 -10.93 13.22 11.28
C ASP A 53 -9.40 13.29 11.32
N ARG A 54 -8.73 12.21 11.75
CA ARG A 54 -7.27 12.25 11.79
C ARG A 54 -6.71 12.32 10.39
N LEU A 55 -7.33 11.56 9.46
CA LEU A 55 -6.94 11.62 8.06
C LEU A 55 -7.18 13.00 7.46
N SER A 56 -8.40 13.55 7.68
CA SER A 56 -8.70 14.89 7.19
C SER A 56 -7.70 15.92 7.73
N HIS A 57 -7.38 15.83 9.01
CA HIS A 57 -6.45 16.77 9.62
C HIS A 57 -5.05 16.65 9.03
N PHE A 58 -4.58 15.41 8.82
CA PHE A 58 -3.27 15.24 8.19
C PHE A 58 -3.24 15.91 6.82
N TYR A 59 -4.25 15.66 6.00
CA TYR A 59 -4.20 16.23 4.65
C TYR A 59 -4.34 17.74 4.65
N ALA A 60 -5.05 18.30 5.63
CA ALA A 60 -5.25 19.74 5.66
C ALA A 60 -4.12 20.49 6.35
N HIS A 61 -3.33 19.83 7.19
CA HIS A 61 -2.39 20.56 8.04
C HIS A 61 -0.99 19.98 8.11
N GLU A 62 -0.78 18.72 7.73
CA GLU A 62 0.51 18.08 7.93
C GLU A 62 1.11 17.47 6.68
N ASN A 63 0.45 17.54 5.54
CA ASN A 63 0.79 16.66 4.43
C ASN A 63 2.12 17.03 3.78
N SER A 64 2.99 16.02 3.64
CA SER A 64 4.30 16.16 3.03
C SER A 64 4.96 14.80 3.06
N ASN A 65 5.96 14.60 2.21
CA ASN A 65 6.88 13.50 2.44
C ASN A 65 7.76 13.80 3.67
N ILE A 66 8.39 12.76 4.20
CA ILE A 66 9.06 12.91 5.48
C ILE A 66 10.49 13.45 5.33
N HIS A 67 11.27 13.39 6.43
CA HIS A 67 12.63 13.92 6.63
C HIS A 67 12.54 15.30 7.28
N ARG A 68 12.62 15.35 8.61
CA ARG A 68 12.21 16.55 9.33
C ARG A 68 13.11 17.74 9.04
N ALA A 69 14.36 17.53 8.64
CA ALA A 69 15.24 18.65 8.34
C ALA A 69 14.84 19.42 7.08
N ALA A 70 13.94 18.87 6.25
CA ALA A 70 13.63 19.49 4.97
C ALA A 70 12.97 20.85 5.14
N HIS A 71 11.82 20.91 5.82
CA HIS A 71 11.00 22.10 5.98
C HIS A 71 9.89 21.77 6.97
N GLU A 72 9.04 22.77 7.28
CA GLU A 72 8.10 22.66 8.39
C GLU A 72 7.11 21.50 8.20
N LEU A 73 6.45 21.44 7.05
CA LEU A 73 5.48 20.37 6.84
C LEU A 73 6.15 19.01 6.83
N ALA A 74 7.36 18.92 6.27
CA ALA A 74 8.07 17.65 6.32
C ALA A 74 8.31 17.23 7.77
N ALA A 75 8.62 18.20 8.65
CA ALA A 75 8.81 17.87 10.07
C ALA A 75 7.49 17.42 10.71
N ARG A 76 6.38 18.04 10.33
CA ARG A 76 5.08 17.62 10.87
C ARG A 76 4.74 16.20 10.44
N ALA A 77 4.86 15.92 9.15
CA ALA A 77 4.58 14.58 8.65
C ALA A 77 5.51 13.55 9.27
N THR A 78 6.80 13.89 9.44
CA THR A 78 7.76 12.98 10.05
C THR A 78 7.36 12.67 11.49
N ASP A 79 7.03 13.72 12.26
CA ASP A 79 6.58 13.52 13.63
C ASP A 79 5.40 12.57 13.66
N ALA A 80 4.43 12.79 12.78
CA ALA A 80 3.21 11.97 12.81
C ALA A 80 3.49 10.53 12.42
N TYR A 81 4.34 10.34 11.39
CA TYR A 81 4.69 8.99 10.95
C TYR A 81 5.43 8.23 12.03
N GLU A 82 6.43 8.88 12.65
CA GLU A 82 7.19 8.24 13.74
C GLU A 82 6.30 7.92 14.92
N ASP A 83 5.39 8.84 15.28
CA ASP A 83 4.43 8.60 16.35
C ASP A 83 3.52 7.42 16.02
N ALA A 84 3.13 7.27 14.75
CA ALA A 84 2.29 6.13 14.36
C ALA A 84 3.03 4.81 14.48
N ARG A 85 4.29 4.78 14.04
CA ARG A 85 5.09 3.57 14.22
C ARG A 85 5.23 3.22 15.71
N GLU A 86 5.43 4.24 16.54
CA GLU A 86 5.56 4.00 17.97
C GLU A 86 4.25 3.51 18.58
N ALA A 87 3.11 4.02 18.09
CA ALA A 87 1.81 3.53 18.55
C ALA A 87 1.67 2.04 18.27
N VAL A 88 2.09 1.61 17.07
CA VAL A 88 2.06 0.18 16.75
C VAL A 88 2.98 -0.59 17.68
N ARG A 89 4.22 -0.11 17.84
CA ARG A 89 5.18 -0.81 18.70
C ARG A 89 4.61 -1.02 20.09
N ARG A 90 4.06 0.03 20.67
CA ARG A 90 3.53 -0.02 22.03
C ARG A 90 2.33 -0.97 22.09
N PHE A 91 1.43 -0.87 21.11
CA PHE A 91 0.19 -1.65 21.19
C PHE A 91 0.47 -3.14 21.09
N ILE A 92 1.46 -3.55 20.30
CA ILE A 92 1.73 -4.98 20.19
C ILE A 92 2.87 -5.44 21.07
N GLY A 93 3.47 -4.54 21.85
CA GLY A 93 4.53 -4.94 22.76
C GLY A 93 5.82 -5.34 22.09
N ALA A 94 6.17 -4.69 20.99
CA ALA A 94 7.47 -4.91 20.37
C ALA A 94 8.55 -4.16 21.16
N ALA A 95 9.74 -4.76 21.21
CA ALA A 95 10.84 -4.13 21.93
C ALA A 95 11.27 -2.83 21.26
N LYS A 96 11.29 -2.78 19.92
CA LYS A 96 11.86 -1.64 19.24
C LYS A 96 10.99 -1.23 18.07
N ALA A 97 10.92 0.09 17.82
CA ALA A 97 10.16 0.57 16.66
C ALA A 97 10.81 0.11 15.37
N GLU A 98 12.12 -0.16 15.39
CA GLU A 98 12.82 -0.69 14.23
C GLU A 98 12.35 -2.08 13.84
N GLU A 99 11.55 -2.74 14.68
CA GLU A 99 10.98 -4.04 14.36
C GLU A 99 9.60 -3.93 13.71
N ILE A 100 9.10 -2.72 13.50
CA ILE A 100 7.79 -2.46 12.92
C ILE A 100 7.97 -2.03 11.48
N ILE A 101 7.43 -2.79 10.53
CA ILE A 101 7.51 -2.48 9.11
C ILE A 101 6.10 -2.15 8.62
N PHE A 102 5.94 -0.98 8.01
CA PHE A 102 4.68 -0.59 7.39
C PHE A 102 4.63 -1.09 5.96
N LEU A 103 3.46 -1.63 5.58
CA LEU A 103 3.20 -2.06 4.20
C LEU A 103 1.68 -2.02 4.01
N ARG A 104 1.15 -2.69 2.99
CA ARG A 104 -0.28 -2.50 2.70
C ARG A 104 -1.19 -3.33 3.62
N GLY A 105 -0.76 -4.51 4.03
CA GLY A 105 -1.59 -5.31 4.91
C GLY A 105 -0.97 -6.67 5.17
N THR A 106 -1.76 -7.53 5.80
CA THR A 106 -1.31 -8.88 6.15
C THR A 106 -0.76 -9.63 4.94
N THR A 107 -1.45 -9.54 3.79
CA THR A 107 -1.06 -10.29 2.61
C THR A 107 0.32 -9.85 2.10
N GLU A 108 0.54 -8.54 2.00
CA GLU A 108 1.86 -8.09 1.59
C GLU A 108 2.92 -8.50 2.60
N ALA A 109 2.60 -8.46 3.89
CA ALA A 109 3.59 -8.83 4.91
C ALA A 109 4.01 -10.29 4.80
N ILE A 110 3.03 -11.19 4.59
CA ILE A 110 3.37 -12.60 4.45
C ILE A 110 4.16 -12.82 3.16
N ASN A 111 3.78 -12.12 2.08
CA ASN A 111 4.54 -12.27 0.85
C ASN A 111 5.98 -11.79 1.02
N LEU A 112 6.18 -10.71 1.80
CA LEU A 112 7.53 -10.25 2.07
C LEU A 112 8.34 -11.35 2.71
N VAL A 113 7.83 -11.91 3.82
CA VAL A 113 8.57 -12.97 4.53
C VAL A 113 8.83 -14.16 3.60
N ALA A 114 7.79 -14.59 2.88
CA ALA A 114 7.92 -15.75 2.00
C ALA A 114 9.01 -15.51 0.95
N HIS A 115 8.86 -14.46 0.16
N HIS A 115 8.88 -14.47 0.14
CA HIS A 115 9.78 -14.20 -0.94
CA HIS A 115 9.86 -14.30 -0.94
C HIS A 115 11.20 -13.95 -0.43
C HIS A 115 11.23 -13.99 -0.38
N ALA A 116 11.38 -12.93 0.42
CA ALA A 116 12.73 -12.54 0.84
C ALA A 116 13.34 -13.56 1.79
N TRP A 117 12.73 -13.76 2.97
CA TRP A 117 13.31 -14.71 3.91
C TRP A 117 13.30 -16.13 3.34
N GLY A 118 12.16 -16.57 2.78
CA GLY A 118 12.07 -17.92 2.28
C GLY A 118 13.05 -18.22 1.16
N GLY A 119 13.16 -17.33 0.16
CA GLY A 119 14.11 -17.55 -0.90
C GLY A 119 15.54 -17.52 -0.43
N LYS A 120 15.83 -16.84 0.68
CA LYS A 120 17.19 -16.93 1.18
C LYS A 120 17.46 -18.21 1.97
N HIS A 121 16.46 -18.75 2.69
CA HIS A 121 16.77 -19.80 3.66
C HIS A 121 16.22 -21.19 3.33
N LEU A 122 15.36 -21.34 2.34
CA LEU A 122 14.72 -22.63 2.09
C LEU A 122 15.29 -23.30 0.84
N GLY A 123 15.38 -24.63 0.90
CA GLY A 123 15.81 -25.43 -0.22
C GLY A 123 15.13 -26.78 -0.23
N PRO A 124 15.53 -27.65 -1.18
CA PRO A 124 14.81 -28.91 -1.39
C PRO A 124 14.69 -29.76 -0.14
N GLY A 125 13.48 -30.22 0.15
CA GLY A 125 13.23 -31.08 1.28
C GLY A 125 13.00 -30.36 2.59
N ASP A 126 13.41 -29.10 2.71
CA ASP A 126 13.04 -28.31 3.88
C ASP A 126 11.53 -28.25 4.02
N GLU A 127 11.07 -28.11 5.26
CA GLU A 127 9.65 -28.23 5.54
C GLU A 127 9.09 -26.94 6.12
N ILE A 128 7.94 -26.52 5.61
CA ILE A 128 7.13 -25.44 6.16
C ILE A 128 5.87 -26.06 6.74
N VAL A 129 5.54 -25.72 7.98
CA VAL A 129 4.33 -26.22 8.62
C VAL A 129 3.34 -25.08 8.74
N ILE A 130 2.14 -25.26 8.19
CA ILE A 130 1.01 -24.36 8.40
C ILE A 130 -0.12 -25.16 9.02
N THR A 131 -1.12 -24.47 9.54
CA THR A 131 -2.27 -25.16 10.09
C THR A 131 -3.36 -25.21 9.04
N HIS A 132 -4.28 -26.18 9.21
CA HIS A 132 -5.41 -26.30 8.30
C HIS A 132 -6.35 -25.10 8.37
N LEU A 133 -6.19 -24.24 9.39
CA LEU A 133 -7.07 -23.09 9.64
C LEU A 133 -6.74 -21.85 8.82
N GLU A 134 -5.72 -21.91 7.97
CA GLU A 134 -5.17 -20.70 7.36
C GLU A 134 -6.11 -20.05 6.36
N HIS A 135 -6.12 -18.73 6.38
CA HIS A 135 -6.60 -17.88 5.30
C HIS A 135 -5.69 -18.08 4.07
N HIS A 136 -6.22 -17.82 2.88
CA HIS A 136 -5.42 -17.98 1.66
C HIS A 136 -4.13 -17.15 1.68
N ALA A 137 -4.15 -16.00 2.37
CA ALA A 137 -2.93 -15.19 2.45
C ALA A 137 -1.78 -15.93 3.12
N ASN A 138 -2.10 -16.90 3.97
CA ASN A 138 -1.09 -17.72 4.65
C ASN A 138 -1.05 -19.13 4.09
N ILE A 139 -1.45 -19.28 2.83
CA ILE A 139 -1.32 -20.54 2.12
C ILE A 139 -0.60 -20.30 0.79
N VAL A 140 -1.17 -19.42 -0.04
CA VAL A 140 -0.68 -19.26 -1.41
C VAL A 140 0.80 -18.86 -1.44
N PRO A 141 1.28 -17.90 -0.63
CA PRO A 141 2.71 -17.58 -0.69
C PRO A 141 3.61 -18.77 -0.36
N TRP A 142 3.19 -19.64 0.57
CA TRP A 142 4.02 -20.82 0.86
C TRP A 142 3.97 -21.82 -0.28
N GLN A 143 2.85 -21.92 -1.01
CA GLN A 143 2.82 -22.80 -2.19
C GLN A 143 3.74 -22.27 -3.29
N LEU A 144 3.70 -20.96 -3.54
CA LEU A 144 4.63 -20.34 -4.49
C LEU A 144 6.07 -20.62 -4.09
N LEU A 145 6.42 -20.31 -2.85
CA LEU A 145 7.78 -20.53 -2.37
C LEU A 145 8.16 -22.00 -2.45
N SER A 146 7.21 -22.89 -2.17
CA SER A 146 7.52 -24.32 -2.19
C SER A 146 7.80 -24.80 -3.60
N ARG A 147 7.08 -24.29 -4.60
CA ARG A 147 7.42 -24.68 -5.95
C ARG A 147 8.74 -24.07 -6.39
N GLN A 148 9.08 -22.89 -5.86
CA GLN A 148 10.31 -22.23 -6.27
C GLN A 148 11.55 -22.87 -5.64
N THR A 149 11.45 -23.34 -4.40
CA THR A 149 12.60 -23.78 -3.62
C THR A 149 12.69 -25.29 -3.44
N GLY A 150 11.64 -26.03 -3.76
CA GLY A 150 11.59 -27.44 -3.44
C GLY A 150 11.21 -27.75 -2.00
N ALA A 151 10.94 -26.75 -1.17
CA ALA A 151 10.51 -27.00 0.20
C ALA A 151 9.19 -27.77 0.21
N VAL A 152 8.97 -28.53 1.28
CA VAL A 152 7.76 -29.34 1.44
C VAL A 152 6.82 -28.60 2.40
N LEU A 153 5.56 -28.47 2.01
CA LEU A 153 4.54 -27.82 2.82
C LEU A 153 3.73 -28.89 3.57
N LYS A 154 3.76 -28.84 4.89
CA LYS A 154 2.97 -29.73 5.75
C LYS A 154 1.85 -28.94 6.41
N VAL A 155 0.72 -29.60 6.62
CA VAL A 155 -0.50 -28.96 7.11
C VAL A 155 -0.92 -29.64 8.42
N ALA A 156 -0.84 -28.91 9.52
CA ALA A 156 -1.26 -29.45 10.82
C ALA A 156 -2.78 -29.59 10.88
N PRO A 157 -3.30 -30.72 11.36
CA PRO A 157 -4.74 -30.97 11.27
C PRO A 157 -5.55 -30.43 12.45
N VAL A 158 -6.86 -30.37 12.24
CA VAL A 158 -7.82 -29.94 13.26
C VAL A 158 -8.81 -31.09 13.48
N ASP A 159 -9.45 -31.08 14.66
CA ASP A 159 -10.60 -31.94 14.85
C ASP A 159 -11.84 -31.31 14.20
N ASP A 160 -12.98 -31.99 14.33
CA ASP A 160 -14.16 -31.53 13.60
C ASP A 160 -14.79 -30.29 14.22
N ALA A 161 -14.47 -30.00 15.48
CA ALA A 161 -14.89 -28.74 16.10
C ALA A 161 -14.00 -27.57 15.69
N GLY A 162 -12.84 -27.84 15.08
CA GLY A 162 -11.94 -26.80 14.63
C GLY A 162 -10.79 -26.49 15.57
N ASN A 163 -10.60 -27.27 16.62
CA ASN A 163 -9.42 -27.11 17.47
C ASN A 163 -8.18 -27.61 16.75
N LEU A 164 -7.09 -26.85 16.86
CA LEU A 164 -5.79 -27.36 16.44
C LEU A 164 -5.37 -28.50 17.37
N LEU A 165 -4.95 -29.62 16.78
CA LEU A 165 -4.48 -30.79 17.53
C LEU A 165 -2.98 -30.64 17.80
N LEU A 166 -2.62 -30.30 19.03
CA LEU A 166 -1.23 -29.98 19.35
C LEU A 166 -0.33 -31.20 19.22
N GLY A 167 -0.86 -32.41 19.44
CA GLY A 167 -0.03 -33.59 19.33
C GLY A 167 0.36 -33.90 17.90
N GLU A 168 -0.63 -33.89 17.00
CA GLU A 168 -0.32 -34.07 15.59
C GLU A 168 0.57 -32.95 15.06
N PHE A 169 0.37 -31.72 15.56
CA PHE A 169 1.23 -30.62 15.14
C PHE A 169 2.68 -30.87 15.55
N GLU A 170 2.90 -31.27 16.81
CA GLU A 170 4.26 -31.59 17.23
C GLU A 170 4.82 -32.76 16.43
N ASP A 171 3.98 -33.73 16.05
CA ASP A 171 4.46 -34.86 15.27
C ASP A 171 4.95 -34.43 13.90
N LEU A 172 4.41 -33.34 13.35
CA LEU A 172 4.91 -32.86 12.07
C LEU A 172 6.26 -32.17 12.17
N LEU A 173 6.71 -31.81 13.37
CA LEU A 173 7.97 -31.10 13.51
C LEU A 173 9.14 -32.07 13.55
N GLY A 174 10.23 -31.72 12.87
CA GLY A 174 11.41 -32.56 12.82
C GLY A 174 12.67 -31.80 12.43
N PRO A 175 13.72 -32.54 12.06
CA PRO A 175 15.00 -31.88 11.72
C PRO A 175 14.93 -31.03 10.45
N ARG A 176 14.00 -31.28 9.56
CA ARG A 176 13.86 -30.53 8.32
C ARG A 176 12.93 -29.32 8.45
N THR A 177 12.30 -29.11 9.60
CA THR A 177 11.36 -28.00 9.77
C THR A 177 12.12 -26.69 9.86
N LYS A 178 11.90 -25.79 8.89
CA LYS A 178 12.53 -24.48 8.95
C LYS A 178 11.59 -23.34 9.31
N LEU A 179 10.29 -23.49 9.04
CA LEU A 179 9.37 -22.39 9.25
C LEU A 179 8.01 -22.95 9.65
N VAL A 180 7.42 -22.35 10.67
CA VAL A 180 6.02 -22.58 11.04
C VAL A 180 5.28 -21.29 10.79
N ALA A 181 4.16 -21.36 10.06
CA ALA A 181 3.31 -20.19 9.84
C ALA A 181 1.91 -20.55 10.29
N ALA A 182 1.43 -19.90 11.36
CA ALA A 182 0.18 -20.30 11.98
C ALA A 182 -0.72 -19.10 12.22
N THR A 183 -2.02 -19.27 11.99
CA THR A 183 -2.96 -18.22 12.33
C THR A 183 -3.23 -18.23 13.82
N GLN A 184 -3.40 -17.04 14.41
CA GLN A 184 -3.81 -16.98 15.81
C GLN A 184 -5.33 -17.10 15.97
N VAL A 185 -6.11 -16.55 15.03
CA VAL A 185 -7.57 -16.67 15.04
C VAL A 185 -8.01 -16.99 13.61
N SER A 186 -8.73 -18.09 13.44
CA SER A 186 -9.27 -18.48 12.14
C SER A 186 -10.36 -17.49 11.70
N ASN A 187 -10.19 -16.89 10.51
CA ASN A 187 -11.21 -15.96 10.01
C ASN A 187 -12.49 -16.66 9.57
N ALA A 188 -12.44 -17.97 9.31
CA ALA A 188 -13.62 -18.71 8.88
C ALA A 188 -14.33 -19.42 10.02
N LEU A 189 -13.60 -19.89 11.04
CA LEU A 189 -14.18 -20.66 12.13
C LEU A 189 -14.16 -19.94 13.47
N GLY A 190 -13.30 -18.93 13.63
CA GLY A 190 -13.18 -18.24 14.90
C GLY A 190 -12.27 -18.91 15.90
N THR A 191 -11.73 -20.09 15.57
CA THR A 191 -10.84 -20.82 16.49
C THR A 191 -9.68 -19.95 16.94
N VAL A 192 -9.45 -19.91 18.25
CA VAL A 192 -8.23 -19.33 18.80
C VAL A 192 -7.19 -20.43 18.95
N THR A 193 -5.96 -20.19 18.45
CA THR A 193 -4.97 -21.26 18.57
C THR A 193 -3.98 -20.94 19.69
N PRO A 194 -3.36 -21.97 20.30
CA PRO A 194 -2.41 -21.71 21.41
C PRO A 194 -1.04 -21.27 20.89
N VAL A 195 -0.95 -19.97 20.56
CA VAL A 195 0.24 -19.52 19.82
C VAL A 195 1.50 -19.61 20.67
N GLU A 196 1.39 -19.41 21.99
CA GLU A 196 2.56 -19.57 22.85
C GLU A 196 3.19 -20.96 22.67
N THR A 197 2.34 -22.00 22.69
CA THR A 197 2.84 -23.36 22.51
C THR A 197 3.40 -23.58 21.12
N ILE A 198 2.72 -23.06 20.09
CA ILE A 198 3.19 -23.21 18.72
C ILE A 198 4.58 -22.60 18.58
N VAL A 199 4.77 -21.40 19.14
CA VAL A 199 6.05 -20.71 19.02
C VAL A 199 7.14 -21.49 19.76
N GLU A 200 6.83 -21.97 20.97
CA GLU A 200 7.82 -22.71 21.75
C GLU A 200 8.22 -24.00 21.06
N LEU A 201 7.24 -24.74 20.53
CA LEU A 201 7.54 -25.97 19.81
C LEU A 201 8.38 -25.68 18.57
N GLY A 202 7.98 -24.69 17.77
CA GLY A 202 8.75 -24.34 16.59
C GLY A 202 10.19 -24.02 16.93
N HIS A 203 10.41 -23.21 17.96
CA HIS A 203 11.77 -22.87 18.33
C HIS A 203 12.55 -24.09 18.82
N ARG A 204 11.88 -25.01 19.51
CA ARG A 204 12.53 -26.23 19.97
C ARG A 204 13.11 -27.05 18.84
N TYR A 205 12.48 -27.04 17.67
CA TYR A 205 13.00 -27.75 16.52
C TYR A 205 13.81 -26.85 15.59
N GLY A 206 14.14 -25.63 16.02
CA GLY A 206 15.00 -24.77 15.23
C GLY A 206 14.32 -23.96 14.13
N ALA A 207 13.00 -23.92 14.09
CA ALA A 207 12.31 -23.18 13.04
C ALA A 207 12.02 -21.75 13.46
N ARG A 208 11.93 -20.86 12.47
CA ARG A 208 11.31 -19.55 12.72
C ARG A 208 9.80 -19.69 12.72
N VAL A 209 9.12 -18.79 13.44
CA VAL A 209 7.66 -18.87 13.57
C VAL A 209 7.03 -17.53 13.17
N LEU A 210 6.12 -17.59 12.20
CA LEU A 210 5.30 -16.46 11.77
C LEU A 210 3.89 -16.67 12.29
N ILE A 211 3.30 -15.62 12.85
CA ILE A 211 1.95 -15.65 13.38
C ILE A 211 1.10 -14.68 12.56
N ASP A 212 0.02 -15.21 11.97
CA ASP A 212 -0.98 -14.41 11.26
C ASP A 212 -1.94 -13.86 12.31
N GLY A 213 -1.81 -12.58 12.63
CA GLY A 213 -2.63 -11.98 13.67
C GLY A 213 -3.72 -11.07 13.15
N ALA A 214 -4.14 -11.24 11.88
CA ALA A 214 -5.11 -10.30 11.31
C ALA A 214 -6.45 -10.31 12.07
N GLN A 215 -6.87 -11.47 12.58
CA GLN A 215 -8.09 -11.57 13.37
C GLN A 215 -7.85 -11.73 14.86
N SER A 216 -6.59 -11.75 15.31
CA SER A 216 -6.40 -11.73 16.76
C SER A 216 -6.19 -10.32 17.31
N ILE A 217 -5.47 -9.46 16.60
CA ILE A 217 -5.16 -8.14 17.14
C ILE A 217 -6.40 -7.29 17.43
N PRO A 218 -7.54 -7.42 16.74
CA PRO A 218 -8.72 -6.64 17.15
C PRO A 218 -9.46 -7.22 18.35
N HIS A 219 -9.13 -8.44 18.79
CA HIS A 219 -10.00 -9.19 19.69
C HIS A 219 -9.34 -9.69 20.97
N MET A 220 -8.04 -9.50 21.14
CA MET A 220 -7.34 -9.95 22.33
C MET A 220 -6.02 -9.21 22.42
N PRO A 221 -5.51 -8.98 23.63
CA PRO A 221 -4.24 -8.26 23.76
C PRO A 221 -3.12 -9.05 23.12
N ILE A 222 -2.16 -8.33 22.53
CA ILE A 222 -1.01 -8.93 21.86
C ILE A 222 0.27 -8.43 22.52
N ASP A 223 1.20 -9.34 22.80
CA ASP A 223 2.52 -8.99 23.34
C ASP A 223 3.54 -9.87 22.59
N VAL A 224 4.08 -9.35 21.49
CA VAL A 224 4.94 -10.19 20.65
C VAL A 224 6.27 -10.48 21.35
N ALA A 225 6.72 -9.57 22.21
CA ALA A 225 7.97 -9.82 22.93
C ALA A 225 7.80 -10.99 23.90
N ALA A 226 6.69 -11.00 24.64
CA ALA A 226 6.38 -12.15 25.49
C ALA A 226 6.13 -13.39 24.66
N LEU A 227 5.42 -13.24 23.54
CA LEU A 227 5.09 -14.39 22.70
C LEU A 227 6.36 -15.01 22.10
N GLY A 228 7.33 -14.19 21.73
CA GLY A 228 8.55 -14.69 21.13
C GLY A 228 8.46 -15.04 19.66
N ALA A 229 7.32 -14.83 19.01
CA ALA A 229 7.20 -15.13 17.59
C ALA A 229 8.22 -14.33 16.80
N ASP A 230 8.75 -14.94 15.75
CA ASP A 230 9.74 -14.24 14.92
C ASP A 230 9.09 -13.22 13.99
N PHE A 231 7.89 -13.51 13.50
CA PHE A 231 7.15 -12.57 12.67
C PHE A 231 5.71 -12.52 13.16
N PHE A 232 5.10 -11.33 13.10
CA PHE A 232 3.70 -11.16 13.45
C PHE A 232 3.09 -10.19 12.44
N VAL A 233 1.95 -10.54 11.84
CA VAL A 233 1.42 -9.68 10.77
C VAL A 233 -0.04 -9.31 11.03
N PHE A 234 -0.43 -8.10 10.63
CA PHE A 234 -1.85 -7.74 10.70
C PHE A 234 -2.21 -6.57 9.76
N SER A 235 -3.53 -6.36 9.60
CA SER A 235 -4.09 -5.38 8.67
C SER A 235 -4.81 -4.26 9.42
N GLY A 236 -4.54 -3.02 9.04
CA GLY A 236 -5.16 -1.88 9.72
C GLY A 236 -6.67 -1.84 9.58
N HIS A 237 -7.20 -2.24 8.43
CA HIS A 237 -8.64 -2.08 8.20
C HIS A 237 -9.50 -3.05 9.04
N1 LLP A 238 -5.37 -13.68 7.37
C2 LLP A 238 -6.49 -13.56 8.10
C2' LLP A 238 -6.73 -14.54 9.30
C3 LLP A 238 -7.44 -12.55 7.75
O3 LLP A 238 -8.62 -12.40 8.49
C4 LLP A 238 -7.20 -11.69 6.69
C4' LLP A 238 -8.28 -10.57 6.32
C5 LLP A 238 -6.04 -11.81 5.96
C6 LLP A 238 -5.12 -12.80 6.29
C5' LLP A 238 -5.75 -10.85 4.74
OP4 LLP A 238 -5.68 -9.48 5.10
P LLP A 238 -5.62 -8.38 4.00
OP1 LLP A 238 -4.24 -8.34 3.32
OP2 LLP A 238 -5.88 -7.09 4.67
OP3 LLP A 238 -6.67 -8.63 2.95
N LLP A 238 -8.89 -4.08 9.62
CA LLP A 238 -9.61 -5.02 10.49
CB LLP A 238 -9.07 -6.42 10.35
CG LLP A 238 -9.35 -6.96 8.94
CD LLP A 238 -8.95 -8.44 8.85
CE LLP A 238 -9.49 -8.98 7.51
NZ LLP A 238 -9.18 -10.40 7.41
C LLP A 238 -9.52 -4.60 11.92
O LLP A 238 -10.08 -5.26 12.78
N ILE A 239 -8.80 -3.51 12.20
CA ILE A 239 -8.82 -2.95 13.56
C ILE A 239 -9.14 -1.46 13.49
N TYR A 240 -10.24 -1.13 12.80
CA TYR A 240 -10.91 0.16 12.85
C TYR A 240 -10.07 1.25 12.23
N GLY A 241 -9.09 0.87 11.42
CA GLY A 241 -8.21 1.83 10.79
C GLY A 241 -8.45 1.92 9.30
N PRO A 242 -7.67 2.78 8.65
CA PRO A 242 -7.83 2.96 7.20
C PRO A 242 -7.47 1.70 6.42
N THR A 243 -8.05 1.59 5.23
CA THR A 243 -7.57 0.60 4.28
C THR A 243 -6.16 0.99 3.83
N GLY A 244 -5.46 0.03 3.23
CA GLY A 244 -4.20 0.32 2.59
C GLY A 244 -3.00 0.33 3.50
N ILE A 245 -3.16 -0.04 4.78
CA ILE A 245 -2.06 -0.01 5.73
C ILE A 245 -2.10 -1.28 6.58
N GLY A 246 -0.92 -1.86 6.80
CA GLY A 246 -0.75 -3.02 7.64
C GLY A 246 0.69 -3.06 8.13
N VAL A 247 0.98 -4.10 8.90
CA VAL A 247 2.24 -4.18 9.65
C VAL A 247 2.82 -5.59 9.56
N LEU A 248 4.14 -5.63 9.36
CA LEU A 248 4.96 -6.79 9.64
C LEU A 248 5.83 -6.45 10.83
N TYR A 249 5.66 -7.17 11.93
CA TYR A 249 6.61 -7.14 13.01
C TYR A 249 7.60 -8.27 12.78
N GLY A 250 8.88 -7.99 13.00
CA GLY A 250 9.85 -9.05 12.93
C GLY A 250 10.85 -8.84 14.04
N ARG A 251 11.21 -9.90 14.78
CA ARG A 251 12.31 -9.78 15.72
C ARG A 251 13.52 -9.20 15.02
N GLU A 252 14.28 -8.38 15.75
CA GLU A 252 15.49 -7.79 15.20
C GLU A 252 16.38 -8.83 14.52
N ASP A 253 16.59 -9.98 15.16
CA ASP A 253 17.50 -10.96 14.55
C ASP A 253 16.85 -11.66 13.36
N ALA A 254 15.52 -11.78 13.32
CA ALA A 254 14.89 -12.35 12.13
C ALA A 254 14.95 -11.38 10.96
N LEU A 255 14.74 -10.08 11.21
CA LEU A 255 14.82 -9.11 10.12
C LEU A 255 16.25 -8.95 9.61
N ALA A 256 17.24 -9.08 10.51
CA ALA A 256 18.64 -8.99 10.10
C ALA A 256 19.00 -10.08 9.10
N GLU A 257 18.43 -11.29 9.24
CA GLU A 257 18.68 -12.35 8.29
C GLU A 257 17.70 -12.36 7.11
N THR A 258 16.83 -11.35 6.99
CA THR A 258 15.94 -11.21 5.84
C THR A 258 16.53 -10.21 4.86
N PRO A 259 16.77 -10.58 3.60
CA PRO A 259 17.29 -9.60 2.63
C PRO A 259 16.22 -8.60 2.25
N PRO A 260 16.58 -7.49 1.62
CA PRO A 260 15.56 -6.56 1.13
C PRO A 260 14.67 -7.24 0.11
N TRP A 261 13.44 -6.73 -0.01
CA TRP A 261 12.50 -7.31 -0.95
C TRP A 261 12.28 -6.35 -2.10
N GLN A 262 11.44 -5.33 -1.90
CA GLN A 262 11.24 -4.31 -2.91
C GLN A 262 12.40 -3.31 -2.88
N GLY A 263 12.82 -2.84 -4.05
CA GLY A 263 13.93 -1.90 -4.15
C GLY A 263 13.47 -0.52 -4.58
N GLY A 264 14.21 0.50 -4.17
CA GLY A 264 13.96 1.86 -4.65
C GLY A 264 14.42 2.88 -3.63
N GLY A 265 13.78 4.04 -3.64
CA GLY A 265 14.08 5.07 -2.66
C GLY A 265 13.77 4.61 -1.24
N ASN A 266 14.37 5.31 -0.28
CA ASN A 266 14.13 5.12 1.16
C ASN A 266 14.83 3.86 1.70
N MET A 267 14.80 2.75 0.97
CA MET A 267 15.49 1.57 1.48
C MET A 267 16.98 1.56 1.14
N ILE A 268 17.46 2.42 0.25
CA ILE A 268 18.89 2.50 -0.06
C ILE A 268 19.58 3.48 0.88
N ALA A 269 20.88 3.25 1.11
CA ALA A 269 21.78 4.21 1.71
C ALA A 269 22.59 4.98 0.68
N ASP A 270 22.90 4.36 -0.45
CA ASP A 270 23.69 4.98 -1.50
C ASP A 270 23.45 4.22 -2.79
N VAL A 271 23.28 4.94 -3.89
CA VAL A 271 23.03 4.32 -5.18
C VAL A 271 24.11 4.80 -6.16
N THR A 272 24.80 3.84 -6.78
CA THR A 272 25.53 4.08 -8.03
C THR A 272 24.96 3.15 -9.09
N LEU A 273 25.22 3.46 -10.36
CA LEU A 273 24.65 2.64 -11.42
C LEU A 273 25.11 1.19 -11.32
N GLU A 274 26.33 0.96 -10.85
CA GLU A 274 26.87 -0.38 -10.77
C GLU A 274 26.48 -1.10 -9.47
N ARG A 275 26.23 -0.38 -8.38
CA ARG A 275 25.96 -1.03 -7.11
C ARG A 275 25.24 -0.08 -6.15
N SER A 276 24.29 -0.63 -5.39
CA SER A 276 23.61 0.12 -4.34
C SER A 276 23.86 -0.56 -3.00
N LEU A 277 23.92 0.25 -1.94
CA LEU A 277 24.00 -0.20 -0.56
C LEU A 277 22.67 0.08 0.14
N TYR A 278 22.30 -0.74 1.11
CA TYR A 278 20.98 -0.68 1.71
C TYR A 278 21.04 -0.20 3.15
N GLN A 279 19.98 0.46 3.59
CA GLN A 279 19.87 0.87 4.98
C GLN A 279 19.49 -0.32 5.85
N GLY A 280 19.60 -0.11 7.17
CA GLY A 280 19.04 -1.05 8.12
C GLY A 280 17.54 -0.87 8.26
N PRO A 281 16.94 -1.71 9.09
CA PRO A 281 15.49 -1.63 9.30
C PRO A 281 15.12 -0.44 10.17
N PRO A 282 13.90 0.07 10.04
CA PRO A 282 12.82 -0.42 9.16
C PRO A 282 12.99 -0.01 7.70
N ASN A 283 13.79 1.04 7.41
CA ASN A 283 13.93 1.54 6.04
C ASN A 283 14.25 0.43 5.04
N LYS A 284 15.06 -0.55 5.46
CA LYS A 284 15.49 -1.65 4.60
C LYS A 284 14.32 -2.30 3.86
N PHE A 285 13.14 -2.31 4.47
CA PHE A 285 12.00 -3.03 3.90
C PHE A 285 10.91 -2.10 3.42
N GLU A 286 11.13 -0.77 3.42
CA GLU A 286 10.08 0.16 3.02
C GLU A 286 10.59 0.94 1.81
N ALA A 287 10.17 0.51 0.62
CA ALA A 287 10.69 1.09 -0.60
C ALA A 287 9.69 2.11 -1.14
N GLY A 288 10.18 3.30 -1.48
CA GLY A 288 9.34 4.34 -2.01
C GLY A 288 8.61 5.12 -0.93
N THR A 289 7.83 6.09 -1.36
CA THR A 289 7.01 6.87 -0.44
C THR A 289 6.07 5.95 0.33
N GLY A 290 6.14 6.02 1.65
CA GLY A 290 5.22 5.24 2.47
C GLY A 290 3.80 5.78 2.39
N ASN A 291 2.86 4.95 2.87
CA ASN A 291 1.48 5.37 2.98
C ASN A 291 1.35 6.16 4.28
N ILE A 292 1.81 7.42 4.23
CA ILE A 292 1.98 8.18 5.47
C ILE A 292 0.63 8.45 6.12
N ALA A 293 -0.35 8.94 5.34
CA ALA A 293 -1.64 9.31 5.94
C ALA A 293 -2.31 8.13 6.61
N ASP A 294 -2.28 6.95 5.97
CA ASP A 294 -3.04 5.87 6.58
C ASP A 294 -2.32 5.25 7.76
N ALA A 295 -0.98 5.28 7.78
CA ALA A 295 -0.27 4.92 9.00
C ALA A 295 -0.67 5.84 10.15
N VAL A 296 -0.75 7.15 9.88
CA VAL A 296 -1.18 8.09 10.91
C VAL A 296 -2.61 7.78 11.37
N GLY A 297 -3.49 7.45 10.42
CA GLY A 297 -4.85 7.07 10.78
C GLY A 297 -4.90 5.78 11.59
N LEU A 298 -4.03 4.82 11.26
CA LEU A 298 -3.93 3.59 12.05
C LEU A 298 -3.48 3.89 13.47
N GLY A 299 -2.54 4.81 13.63
CA GLY A 299 -2.16 5.24 14.98
C GLY A 299 -3.35 5.78 15.75
N GLU A 300 -4.18 6.59 15.08
CA GLU A 300 -5.39 7.06 15.75
C GLU A 300 -6.32 5.89 16.13
N ALA A 301 -6.46 4.90 15.23
CA ALA A 301 -7.31 3.75 15.53
C ALA A 301 -6.79 2.97 16.73
N ILE A 302 -5.46 2.83 16.82
CA ILE A 302 -4.86 2.14 17.97
C ILE A 302 -5.14 2.90 19.26
N ARG A 303 -5.00 4.23 19.23
CA ARG A 303 -5.32 5.01 20.42
C ARG A 303 -6.80 4.88 20.81
N TYR A 304 -7.68 4.82 19.80
CA TYR A 304 -9.11 4.63 20.12
C TYR A 304 -9.32 3.31 20.84
N VAL A 305 -8.72 2.24 20.31
CA VAL A 305 -8.87 0.92 20.90
C VAL A 305 -8.28 0.90 22.32
N GLU A 306 -7.15 1.60 22.52
CA GLU A 306 -6.55 1.66 23.86
C GLU A 306 -7.45 2.41 24.83
N ARG A 307 -8.10 3.49 24.37
CA ARG A 307 -9.03 4.22 25.24
C ARG A 307 -10.16 3.31 25.69
N VAL A 308 -10.75 2.56 24.76
CA VAL A 308 -11.82 1.64 25.14
C VAL A 308 -11.27 0.52 26.00
N GLY A 309 -10.11 -0.05 25.63
CA GLY A 309 -9.46 -1.09 26.40
C GLY A 309 -9.61 -2.46 25.78
N ILE A 310 -8.49 -3.08 25.37
CA ILE A 310 -8.56 -4.29 24.57
C ILE A 310 -9.11 -5.45 25.39
N GLU A 311 -8.82 -5.51 26.70
CA GLU A 311 -9.38 -6.57 27.53
C GLU A 311 -10.88 -6.39 27.75
N ARG A 312 -11.35 -5.15 27.83
CA ARG A 312 -12.78 -4.90 27.92
C ARG A 312 -13.48 -5.25 26.63
N ILE A 313 -12.87 -4.89 25.49
CA ILE A 313 -13.37 -5.31 24.19
C ILE A 313 -13.46 -6.82 24.11
N ALA A 314 -12.41 -7.52 24.55
CA ALA A 314 -12.39 -8.97 24.47
C ALA A 314 -13.51 -9.59 25.31
N ALA A 315 -13.71 -9.07 26.54
CA ALA A 315 -14.77 -9.63 27.38
C ALA A 315 -16.16 -9.33 26.83
N TYR A 316 -16.38 -8.12 26.32
CA TYR A 316 -17.68 -7.79 25.75
C TYR A 316 -17.98 -8.64 24.52
N GLU A 317 -17.01 -8.76 23.61
CA GLU A 317 -17.25 -9.56 22.42
C GLU A 317 -17.47 -11.02 22.78
N HIS A 318 -16.78 -11.53 23.81
CA HIS A 318 -17.03 -12.88 24.28
C HIS A 318 -18.46 -13.03 24.77
N ALA A 319 -18.99 -12.04 25.49
CA ALA A 319 -20.39 -12.12 25.91
C ALA A 319 -21.32 -12.16 24.70
N LEU A 320 -21.02 -11.38 23.66
CA LEU A 320 -21.86 -11.41 22.45
C LEU A 320 -21.87 -12.80 21.83
N LEU A 321 -20.69 -13.41 21.68
CA LEU A 321 -20.60 -14.72 21.04
C LEU A 321 -21.27 -15.81 21.88
N GLU A 322 -21.08 -15.75 23.21
CA GLU A 322 -21.74 -16.69 24.11
C GLU A 322 -23.26 -16.56 24.07
N TYR A 323 -23.77 -15.35 23.86
CA TYR A 323 -25.22 -15.19 23.77
C TYR A 323 -25.74 -15.71 22.44
N ALA A 324 -25.06 -15.34 21.35
CA ALA A 324 -25.57 -15.64 20.01
C ALA A 324 -25.54 -17.13 19.71
N THR A 325 -24.47 -17.83 20.12
CA THR A 325 -24.26 -19.20 19.65
C THR A 325 -25.39 -20.16 20.02
N PRO A 326 -25.83 -20.26 21.28
CA PRO A 326 -26.93 -21.21 21.59
C PRO A 326 -28.26 -20.86 20.92
N ARG A 327 -28.57 -19.58 20.78
CA ARG A 327 -29.84 -19.17 20.18
C ARG A 327 -29.84 -19.47 18.69
N LEU A 328 -28.70 -19.27 18.02
CA LEU A 328 -28.56 -19.66 16.63
C LEU A 328 -28.65 -21.18 16.48
N ALA A 329 -27.91 -21.92 17.32
CA ALA A 329 -27.90 -23.38 17.21
C ALA A 329 -29.27 -24.01 17.48
N ALA A 330 -30.16 -23.32 18.21
CA ALA A 330 -31.47 -23.90 18.51
C ALA A 330 -32.46 -23.78 17.37
N ILE A 331 -32.14 -23.06 16.30
CA ILE A 331 -33.06 -23.00 15.16
C ILE A 331 -33.01 -24.32 14.40
N PRO A 332 -34.13 -24.99 14.15
CA PRO A 332 -34.08 -26.28 13.45
C PRO A 332 -33.46 -26.14 12.07
N GLY A 333 -32.53 -27.04 11.76
CA GLY A 333 -31.81 -27.05 10.51
C GLY A 333 -30.46 -26.36 10.56
N VAL A 334 -30.20 -25.54 11.58
CA VAL A 334 -28.92 -24.84 11.67
C VAL A 334 -27.84 -25.79 12.17
N ARG A 335 -26.67 -25.72 11.56
CA ARG A 335 -25.47 -26.38 12.07
C ARG A 335 -24.40 -25.31 12.25
N ILE A 336 -23.90 -25.18 13.48
CA ILE A 336 -22.76 -24.30 13.75
C ILE A 336 -21.49 -24.95 13.23
N VAL A 337 -20.65 -24.17 12.55
CA VAL A 337 -19.41 -24.66 11.96
C VAL A 337 -18.27 -23.94 12.67
N GLY A 338 -17.48 -24.70 13.43
CA GLY A 338 -16.44 -24.10 14.25
C GLY A 338 -16.92 -23.92 15.67
N THR A 339 -16.62 -24.90 16.52
CA THR A 339 -17.00 -24.87 17.93
C THR A 339 -15.79 -25.13 18.82
N ALA A 340 -14.68 -24.47 18.51
CA ALA A 340 -13.42 -24.69 19.22
C ALA A 340 -13.55 -24.34 20.70
N GLN A 341 -12.64 -24.90 21.49
CA GLN A 341 -12.58 -24.61 22.93
C GLN A 341 -12.54 -23.11 23.19
N GLU A 342 -11.75 -22.37 22.41
CA GLU A 342 -11.76 -20.92 22.51
C GLU A 342 -11.98 -20.31 21.14
N LYS A 343 -12.81 -19.27 21.10
CA LYS A 343 -13.17 -18.61 19.86
C LYS A 343 -13.15 -17.11 20.07
N ALA A 344 -13.06 -16.39 18.95
CA ALA A 344 -13.22 -14.95 18.95
C ALA A 344 -14.05 -14.57 17.74
N SER A 345 -15.17 -13.88 18.00
CA SER A 345 -15.91 -13.05 17.04
C SER A 345 -16.72 -13.79 15.98
N VAL A 346 -16.17 -14.84 15.39
CA VAL A 346 -16.73 -15.45 14.18
C VAL A 346 -17.72 -16.54 14.56
N LEU A 347 -18.89 -16.57 13.89
CA LEU A 347 -19.91 -17.58 14.13
C LEU A 347 -20.43 -18.13 12.79
N SER A 348 -19.64 -18.98 12.15
CA SER A 348 -20.07 -19.62 10.91
C SER A 348 -21.18 -20.62 11.17
N PHE A 349 -22.13 -20.70 10.24
CA PHE A 349 -23.18 -21.70 10.29
C PHE A 349 -23.69 -22.02 8.89
N VAL A 350 -24.42 -23.13 8.79
CA VAL A 350 -25.17 -23.47 7.60
C VAL A 350 -26.60 -23.80 8.01
N LEU A 351 -27.50 -23.78 7.03
CA LEU A 351 -28.93 -24.03 7.24
C LEU A 351 -29.39 -25.06 6.22
N ALA A 352 -29.89 -26.20 6.72
CA ALA A 352 -30.28 -27.30 5.83
C ALA A 352 -31.30 -26.83 4.81
N GLY A 353 -31.08 -27.19 3.55
CA GLY A 353 -32.03 -26.91 2.50
C GLY A 353 -31.96 -25.51 1.91
N HIS A 354 -31.01 -24.69 2.33
CA HIS A 354 -30.86 -23.32 1.84
C HIS A 354 -29.41 -23.07 1.47
N GLU A 355 -29.19 -22.42 0.34
CA GLU A 355 -27.83 -22.05 -0.05
C GLU A 355 -27.32 -20.93 0.84
N PRO A 356 -26.08 -21.01 1.32
CA PRO A 356 -25.52 -19.90 2.14
C PRO A 356 -25.71 -18.53 1.53
N LEU A 357 -25.49 -18.38 0.22
CA LEU A 357 -25.59 -17.06 -0.40
C LEU A 357 -27.02 -16.51 -0.34
N GLU A 358 -28.03 -17.37 -0.49
CA GLU A 358 -29.39 -16.88 -0.39
C GLU A 358 -29.73 -16.45 1.03
N VAL A 359 -29.17 -17.14 2.03
CA VAL A 359 -29.35 -16.69 3.41
C VAL A 359 -28.70 -15.33 3.61
N GLY A 360 -27.50 -15.14 3.06
CA GLY A 360 -26.83 -13.84 3.18
C GLY A 360 -27.65 -12.73 2.54
N LYS A 361 -28.25 -13.01 1.38
CA LYS A 361 -29.03 -11.97 0.72
C LYS A 361 -30.34 -11.68 1.45
N ALA A 362 -30.97 -12.71 2.03
CA ALA A 362 -32.16 -12.45 2.82
C ALA A 362 -31.81 -11.63 4.07
N LEU A 363 -30.67 -11.94 4.68
CA LEU A 363 -30.24 -11.17 5.85
C LEU A 363 -29.99 -9.72 5.46
N ASN A 364 -29.37 -9.50 4.29
CA ASN A 364 -29.16 -8.13 3.84
C ASN A 364 -30.48 -7.42 3.61
N ALA A 365 -31.50 -8.15 3.11
CA ALA A 365 -32.83 -7.56 3.01
C ALA A 365 -33.34 -7.11 4.36
N GLU A 366 -32.89 -7.74 5.44
CA GLU A 366 -33.23 -7.27 6.79
C GLU A 366 -32.28 -6.17 7.31
N GLY A 367 -31.35 -5.69 6.47
CA GLY A 367 -30.35 -4.75 6.93
C GLY A 367 -29.08 -5.37 7.49
N ILE A 368 -29.03 -6.70 7.63
CA ILE A 368 -27.91 -7.36 8.28
C ILE A 368 -26.84 -7.68 7.24
N ALA A 369 -25.61 -7.24 7.49
CA ALA A 369 -24.48 -7.51 6.60
C ALA A 369 -23.67 -8.69 7.14
N VAL A 370 -23.62 -9.77 6.36
CA VAL A 370 -22.77 -10.94 6.63
C VAL A 370 -22.16 -11.37 5.30
N ARG A 371 -21.16 -12.23 5.38
CA ARG A 371 -20.62 -12.86 4.18
C ARG A 371 -21.09 -14.31 4.14
N ALA A 372 -21.47 -14.75 2.95
CA ALA A 372 -21.76 -16.14 2.68
C ALA A 372 -20.83 -16.58 1.57
N GLY A 373 -20.03 -17.59 1.83
CA GLY A 373 -18.98 -17.94 0.87
C GLY A 373 -17.92 -18.78 1.55
N HIS A 374 -16.74 -18.84 0.93
CA HIS A 374 -15.65 -19.61 1.53
C HIS A 374 -14.68 -18.74 2.32
N HIS A 375 -14.86 -17.42 2.33
CA HIS A 375 -14.16 -16.53 3.25
C HIS A 375 -12.65 -16.55 3.03
N CYS A 376 -12.23 -16.85 1.80
CA CYS A 376 -10.81 -17.00 1.47
C CYS A 376 -10.17 -18.02 2.40
N ALA A 377 -10.89 -19.11 2.67
CA ALA A 377 -10.37 -20.19 3.50
C ALA A 377 -10.98 -21.51 3.01
N GLN A 378 -10.87 -21.79 1.71
CA GLN A 378 -11.45 -23.01 1.18
C GLN A 378 -10.95 -24.28 1.86
N PRO A 379 -9.67 -24.44 2.19
CA PRO A 379 -9.27 -25.76 2.74
C PRO A 379 -9.94 -26.10 4.05
N ILE A 380 -10.06 -25.14 4.98
CA ILE A 380 -10.73 -25.45 6.24
C ILE A 380 -12.20 -25.76 6.02
N LEU A 381 -12.85 -25.07 5.07
CA LEU A 381 -14.26 -25.37 4.82
C LEU A 381 -14.42 -26.76 4.20
N ARG A 382 -13.52 -27.13 3.29
CA ARG A 382 -13.58 -28.48 2.75
C ARG A 382 -13.32 -29.53 3.81
N ARG A 383 -12.41 -29.23 4.75
CA ARG A 383 -12.19 -30.14 5.87
C ARG A 383 -13.47 -30.33 6.68
N MET A 384 -14.31 -29.29 6.75
CA MET A 384 -15.60 -29.41 7.40
C MET A 384 -16.68 -29.98 6.47
N GLY A 385 -16.32 -30.40 5.26
CA GLY A 385 -17.28 -30.97 4.34
C GLY A 385 -18.20 -29.96 3.67
N LEU A 386 -17.72 -28.73 3.46
CA LEU A 386 -18.57 -27.65 2.97
C LEU A 386 -17.83 -26.80 1.95
N GLU A 387 -18.61 -26.18 1.08
CA GLU A 387 -18.11 -25.22 0.11
C GLU A 387 -18.22 -23.77 0.60
N ALA A 388 -19.11 -23.50 1.55
CA ALA A 388 -19.36 -22.13 2.00
C ALA A 388 -20.06 -22.19 3.34
N THR A 389 -19.99 -21.07 4.07
CA THR A 389 -20.80 -20.89 5.26
C THR A 389 -21.35 -19.47 5.26
N VAL A 390 -22.44 -19.28 6.02
CA VAL A 390 -22.89 -17.94 6.43
C VAL A 390 -22.11 -17.56 7.67
N ARG A 391 -21.47 -16.38 7.66
CA ARG A 391 -20.51 -16.02 8.71
C ARG A 391 -20.77 -14.62 9.26
N PRO A 392 -21.71 -14.48 10.18
CA PRO A 392 -21.72 -13.30 11.03
C PRO A 392 -20.44 -13.28 11.86
N SER A 393 -19.91 -12.08 12.09
CA SER A 393 -18.74 -11.91 12.94
C SER A 393 -18.91 -10.61 13.71
N PHE A 394 -18.67 -10.66 15.02
CA PHE A 394 -19.03 -9.59 15.93
C PHE A 394 -17.84 -8.72 16.27
N ALA A 395 -18.12 -7.44 16.51
CA ALA A 395 -17.17 -6.49 17.08
C ALA A 395 -17.83 -5.79 18.27
N PHE A 396 -17.05 -4.96 18.97
CA PHE A 396 -17.52 -4.41 20.24
C PHE A 396 -18.53 -3.27 20.08
N TYR A 397 -18.82 -2.81 18.86
CA TYR A 397 -19.95 -1.92 18.66
C TYR A 397 -21.25 -2.66 18.31
N ASN A 398 -21.22 -3.99 18.24
CA ASN A 398 -22.44 -4.76 18.02
C ASN A 398 -23.19 -4.96 19.35
N THR A 399 -24.51 -5.15 19.25
CA THR A 399 -25.36 -5.24 20.44
C THR A 399 -26.10 -6.57 20.49
N PHE A 400 -26.57 -6.89 21.70
CA PHE A 400 -27.43 -8.07 21.85
C PHE A 400 -28.75 -7.90 21.10
N ASP A 401 -29.29 -6.68 21.04
CA ASP A 401 -30.50 -6.41 20.27
C ASP A 401 -30.31 -6.76 18.80
N GLU A 402 -29.19 -6.35 18.21
CA GLU A 402 -28.88 -6.70 16.82
C GLU A 402 -28.83 -8.21 16.64
N ILE A 403 -28.23 -8.92 17.61
CA ILE A 403 -28.22 -10.37 17.55
C ILE A 403 -29.64 -10.92 17.55
N ASP A 404 -30.53 -10.33 18.33
CA ASP A 404 -31.93 -10.77 18.37
C ASP A 404 -32.58 -10.61 16.99
N VAL A 405 -32.37 -9.46 16.36
CA VAL A 405 -32.91 -9.25 15.02
C VAL A 405 -32.39 -10.34 14.07
N PHE A 406 -31.09 -10.65 14.17
CA PHE A 406 -30.49 -11.66 13.29
C PHE A 406 -31.07 -13.05 13.55
N ILE A 407 -31.26 -13.41 14.82
CA ILE A 407 -31.85 -14.72 15.16
C ILE A 407 -33.26 -14.83 14.60
N ASP A 408 -34.08 -13.80 14.81
CA ASP A 408 -35.44 -13.80 14.25
C ASP A 408 -35.40 -13.95 12.73
N ALA A 409 -34.48 -13.27 12.06
CA ALA A 409 -34.39 -13.35 10.62
C ALA A 409 -34.04 -14.77 10.16
N VAL A 410 -33.03 -15.38 10.79
CA VAL A 410 -32.65 -16.75 10.42
C VAL A 410 -33.82 -17.70 10.66
N ARG A 411 -34.52 -17.53 11.79
CA ARG A 411 -35.66 -18.39 12.10
C ARG A 411 -36.75 -18.27 11.05
N ARG A 412 -37.06 -17.05 10.62
CA ARG A 412 -38.06 -16.86 9.58
C ARG A 412 -37.60 -17.49 8.26
N ILE A 413 -36.30 -17.44 7.97
CA ILE A 413 -35.81 -18.14 6.78
C ILE A 413 -35.99 -19.65 6.94
N ALA A 414 -35.70 -20.18 8.13
CA ALA A 414 -35.77 -21.62 8.33
C ALA A 414 -37.20 -22.12 8.34
N GLU A 415 -38.13 -21.30 8.85
CA GLU A 415 -39.54 -21.64 8.79
C GLU A 415 -40.10 -21.24 7.43
N PHE B 15 -6.19 31.39 -17.09
CA PHE B 15 -6.02 30.35 -16.07
C PHE B 15 -6.11 30.97 -14.69
N ASP B 16 -7.19 30.63 -13.99
CA ASP B 16 -7.55 31.30 -12.73
C ASP B 16 -6.92 30.56 -11.56
N VAL B 17 -5.65 30.88 -11.29
CA VAL B 17 -4.93 30.22 -10.21
C VAL B 17 -5.52 30.55 -8.83
N ASN B 18 -6.11 31.74 -8.66
CA ASN B 18 -6.64 32.10 -7.34
C ASN B 18 -7.87 31.25 -6.97
N ALA B 19 -8.80 31.08 -7.92
CA ALA B 19 -9.92 30.18 -7.67
C ALA B 19 -9.44 28.77 -7.34
N ILE B 20 -8.41 28.28 -8.02
CA ILE B 20 -7.91 26.94 -7.76
C ILE B 20 -7.30 26.85 -6.37
N ARG B 21 -6.45 27.82 -6.03
CA ARG B 21 -5.82 27.86 -4.72
C ARG B 21 -6.84 27.84 -3.60
N ALA B 22 -8.01 28.45 -3.82
CA ALA B 22 -9.03 28.40 -2.77
C ALA B 22 -9.47 26.98 -2.45
N ASP B 23 -9.25 26.01 -3.34
CA ASP B 23 -9.68 24.63 -3.05
C ASP B 23 -8.72 23.88 -2.13
N PHE B 24 -7.49 24.36 -1.96
CA PHE B 24 -6.47 23.60 -1.24
C PHE B 24 -6.29 24.19 0.16
N PRO B 25 -6.86 23.58 1.21
CA PRO B 25 -6.86 24.24 2.53
C PRO B 25 -5.48 24.42 3.13
N ILE B 26 -4.56 23.47 2.91
CA ILE B 26 -3.23 23.58 3.50
C ILE B 26 -2.51 24.81 3.02
N LEU B 27 -2.89 25.37 1.87
CA LEU B 27 -2.22 26.55 1.36
C LEU B 27 -2.44 27.76 2.24
N ARG B 28 -3.32 27.67 3.24
CA ARG B 28 -3.55 28.73 4.20
C ARG B 28 -2.61 28.65 5.40
N GLU B 29 -1.82 27.58 5.50
CA GLU B 29 -0.93 27.38 6.64
C GLU B 29 0.19 28.42 6.63
N THR B 30 0.85 28.56 7.79
CA THR B 30 1.94 29.52 7.93
C THR B 30 3.17 28.84 8.54
N VAL B 31 4.34 29.33 8.13
CA VAL B 31 5.62 28.87 8.64
C VAL B 31 6.39 30.08 9.14
N ASN B 32 6.79 30.07 10.41
CA ASN B 32 7.48 31.21 11.02
C ASN B 32 6.67 32.49 10.86
N GLY B 33 5.35 32.37 10.98
CA GLY B 33 4.46 33.50 10.78
C GLY B 33 4.37 33.98 9.34
N LYS B 34 5.07 33.30 8.38
CA LYS B 34 5.06 33.61 6.95
C LYS B 34 4.19 32.63 6.20
N PRO B 35 3.51 33.06 5.13
CA PRO B 35 2.70 32.11 4.34
C PRO B 35 3.56 30.99 3.76
N LEU B 36 3.06 29.77 3.90
CA LEU B 36 3.68 28.63 3.24
C LEU B 36 3.73 28.86 1.73
N ILE B 37 4.86 28.52 1.13
CA ILE B 37 5.00 28.50 -0.32
C ILE B 37 5.47 27.10 -0.69
N TRP B 38 4.59 26.32 -1.33
CA TRP B 38 4.86 24.90 -1.54
C TRP B 38 5.54 24.71 -2.89
N PHE B 39 6.87 24.63 -2.87
CA PHE B 39 7.67 24.35 -4.06
C PHE B 39 8.27 22.95 -3.98
N ASP B 40 7.59 22.03 -3.32
CA ASP B 40 8.05 20.65 -3.14
C ASP B 40 7.16 19.64 -3.86
N ASN B 41 6.58 20.04 -5.00
CA ASN B 41 5.61 19.19 -5.68
C ASN B 41 6.22 17.96 -6.30
N ALA B 42 7.52 17.98 -6.60
CA ALA B 42 8.15 16.77 -7.13
C ALA B 42 8.31 15.71 -6.06
N ALA B 43 8.21 16.08 -4.78
CA ALA B 43 8.19 15.11 -3.69
C ALA B 43 6.76 14.66 -3.40
N THR B 44 5.84 15.61 -3.22
CA THR B 44 4.42 15.27 -3.13
C THR B 44 3.61 16.54 -3.34
N THR B 45 2.31 16.35 -3.61
CA THR B 45 1.42 17.47 -3.84
C THR B 45 0.42 17.62 -2.71
N GLN B 46 -0.19 18.79 -2.66
CA GLN B 46 -1.23 19.07 -1.70
C GLN B 46 -2.60 18.75 -2.29
N LYS B 47 -3.60 18.56 -1.39
CA LYS B 47 -4.89 17.99 -1.83
C LYS B 47 -5.99 19.04 -1.85
N PRO B 48 -6.84 19.02 -2.86
CA PRO B 48 -8.07 19.82 -2.81
C PRO B 48 -9.05 19.23 -1.81
N GLN B 49 -9.91 20.11 -1.28
CA GLN B 49 -10.92 19.70 -0.31
C GLN B 49 -11.84 18.61 -0.85
N ALA B 50 -12.09 18.59 -2.17
CA ALA B 50 -12.91 17.53 -2.75
C ALA B 50 -12.30 16.15 -2.52
N VAL B 51 -10.97 16.02 -2.56
CA VAL B 51 -10.35 14.72 -2.33
C VAL B 51 -10.47 14.30 -0.85
N ILE B 52 -10.16 15.25 0.04
CA ILE B 52 -10.29 15.02 1.48
C ILE B 52 -11.70 14.59 1.84
N ASP B 53 -12.69 15.31 1.30
CA ASP B 53 -14.10 15.00 1.53
C ASP B 53 -14.50 13.66 0.92
N ARG B 54 -13.97 13.33 -0.26
CA ARG B 54 -14.30 12.04 -0.85
C ARG B 54 -13.86 10.90 0.07
N LEU B 55 -12.67 11.01 0.66
CA LEU B 55 -12.23 9.97 1.60
C LEU B 55 -13.15 9.89 2.81
N SER B 56 -13.48 11.05 3.39
CA SER B 56 -14.39 11.09 4.53
C SER B 56 -15.76 10.48 4.20
N HIS B 57 -16.29 10.83 3.04
CA HIS B 57 -17.57 10.29 2.61
C HIS B 57 -17.49 8.78 2.48
N PHE B 58 -16.40 8.26 1.90
CA PHE B 58 -16.28 6.82 1.76
C PHE B 58 -16.32 6.16 3.13
N TYR B 59 -15.52 6.66 4.06
CA TYR B 59 -15.46 6.00 5.35
C TYR B 59 -16.78 6.12 6.12
N ALA B 60 -17.54 7.20 5.90
CA ALA B 60 -18.76 7.42 6.65
C ALA B 60 -19.99 6.77 6.02
N HIS B 61 -19.93 6.41 4.73
CA HIS B 61 -21.14 5.98 4.03
C HIS B 61 -20.97 4.76 3.13
N GLU B 62 -19.76 4.40 2.70
CA GLU B 62 -19.59 3.37 1.69
C GLU B 62 -18.69 2.22 2.14
N ASN B 63 -18.12 2.28 3.35
CA ASN B 63 -16.97 1.45 3.68
C ASN B 63 -17.35 -0.02 3.86
N SER B 64 -16.65 -0.89 3.13
CA SER B 64 -16.85 -2.33 3.11
C SER B 64 -15.79 -2.91 2.19
N ASN B 65 -15.48 -4.19 2.38
CA ASN B 65 -14.82 -4.90 1.28
C ASN B 65 -15.79 -5.06 0.10
N ILE B 66 -15.24 -5.41 -1.06
CA ILE B 66 -16.04 -5.42 -2.28
C ILE B 66 -16.82 -6.73 -2.42
N HIS B 67 -17.45 -6.92 -3.60
N HIS B 67 -17.44 -6.93 -3.59
CA HIS B 67 -18.34 -8.01 -4.01
CA HIS B 67 -18.34 -8.03 -3.99
C HIS B 67 -19.79 -7.62 -3.77
C HIS B 67 -19.80 -7.61 -3.76
N ARG B 68 -20.42 -7.01 -4.78
CA ARG B 68 -21.70 -6.34 -4.59
C ARG B 68 -22.84 -7.29 -4.26
N ALA B 69 -22.71 -8.59 -4.59
CA ALA B 69 -23.77 -9.53 -4.23
C ALA B 69 -23.88 -9.75 -2.73
N ALA B 70 -22.84 -9.41 -1.96
CA ALA B 70 -22.82 -9.74 -0.53
C ALA B 70 -23.86 -8.95 0.25
N HIS B 71 -23.80 -7.61 0.19
CA HIS B 71 -24.72 -6.78 0.95
C HIS B 71 -24.59 -5.33 0.46
N GLU B 72 -25.40 -4.45 1.05
CA GLU B 72 -25.58 -3.10 0.51
C GLU B 72 -24.27 -2.33 0.51
N LEU B 73 -23.60 -2.23 1.67
CA LEU B 73 -22.34 -1.49 1.73
C LEU B 73 -21.28 -2.11 0.83
N ALA B 74 -21.25 -3.44 0.73
CA ALA B 74 -20.32 -4.07 -0.21
C ALA B 74 -20.59 -3.61 -1.64
N ALA B 75 -21.87 -3.41 -1.99
CA ALA B 75 -22.22 -2.94 -3.33
C ALA B 75 -21.80 -1.48 -3.53
N ARG B 76 -22.02 -0.63 -2.53
CA ARG B 76 -21.52 0.75 -2.59
C ARG B 76 -19.99 0.79 -2.79
N ALA B 77 -19.27 -0.01 -2.00
CA ALA B 77 -17.80 -0.04 -2.13
C ALA B 77 -17.38 -0.56 -3.51
N THR B 78 -18.07 -1.58 -4.02
CA THR B 78 -17.72 -2.08 -5.35
C THR B 78 -17.96 -1.04 -6.42
N ASP B 79 -19.12 -0.36 -6.37
CA ASP B 79 -19.39 0.71 -7.32
C ASP B 79 -18.27 1.75 -7.29
N ALA B 80 -17.90 2.19 -6.09
CA ALA B 80 -16.91 3.26 -6.00
C ALA B 80 -15.53 2.80 -6.51
N TYR B 81 -15.13 1.56 -6.17
CA TYR B 81 -13.83 1.03 -6.61
C TYR B 81 -13.79 0.86 -8.13
N GLU B 82 -14.85 0.29 -8.72
CA GLU B 82 -14.91 0.19 -10.18
C GLU B 82 -14.87 1.55 -10.85
N ASP B 83 -15.59 2.53 -10.30
CA ASP B 83 -15.56 3.87 -10.87
C ASP B 83 -14.16 4.49 -10.76
N ALA B 84 -13.44 4.22 -9.67
CA ALA B 84 -12.08 4.74 -9.58
C ALA B 84 -11.19 4.13 -10.65
N ARG B 85 -11.29 2.81 -10.86
CA ARG B 85 -10.46 2.17 -11.87
C ARG B 85 -10.79 2.72 -13.26
N GLU B 86 -12.07 2.98 -13.52
CA GLU B 86 -12.47 3.53 -14.81
C GLU B 86 -12.02 4.98 -15.00
N ALA B 87 -11.99 5.78 -13.92
CA ALA B 87 -11.43 7.13 -14.02
C ALA B 87 -9.94 7.09 -14.38
N VAL B 88 -9.18 6.16 -13.78
CA VAL B 88 -7.78 6.04 -14.16
C VAL B 88 -7.64 5.65 -15.63
N ARG B 89 -8.40 4.62 -16.06
CA ARG B 89 -8.34 4.17 -17.44
C ARG B 89 -8.62 5.31 -18.41
N ARG B 90 -9.69 6.07 -18.16
CA ARG B 90 -10.02 7.21 -18.99
C ARG B 90 -8.89 8.23 -19.00
N PHE B 91 -8.38 8.56 -17.80
CA PHE B 91 -7.43 9.67 -17.71
C PHE B 91 -6.14 9.36 -18.44
N ILE B 92 -5.67 8.11 -18.40
CA ILE B 92 -4.42 7.80 -19.09
C ILE B 92 -4.63 7.23 -20.47
N GLY B 93 -5.87 7.09 -20.92
CA GLY B 93 -6.09 6.61 -22.28
C GLY B 93 -5.79 5.14 -22.48
N ALA B 94 -5.97 4.32 -21.45
CA ALA B 94 -5.86 2.88 -21.63
C ALA B 94 -7.12 2.33 -22.29
N ALA B 95 -6.95 1.27 -23.09
CA ALA B 95 -8.11 0.71 -23.80
C ALA B 95 -9.06 -0.03 -22.87
N LYS B 96 -8.56 -0.66 -21.79
CA LYS B 96 -9.42 -1.50 -20.96
C LYS B 96 -9.15 -1.29 -19.48
N ALA B 97 -10.20 -1.36 -18.67
CA ALA B 97 -10.04 -1.29 -17.23
C ALA B 97 -9.17 -2.43 -16.70
N GLU B 98 -9.19 -3.58 -17.37
CA GLU B 98 -8.37 -4.74 -16.98
C GLU B 98 -6.89 -4.50 -17.16
N GLU B 99 -6.49 -3.41 -17.79
CA GLU B 99 -5.09 -3.05 -17.93
C GLU B 99 -4.60 -2.16 -16.80
N ILE B 100 -5.46 -1.84 -15.84
CA ILE B 100 -5.15 -0.94 -14.73
C ILE B 100 -5.01 -1.78 -13.45
N ILE B 101 -3.81 -1.76 -12.86
CA ILE B 101 -3.51 -2.46 -11.61
C ILE B 101 -3.29 -1.42 -10.53
N PHE B 102 -4.05 -1.52 -9.43
CA PHE B 102 -3.83 -0.68 -8.26
C PHE B 102 -2.79 -1.31 -7.35
N LEU B 103 -1.89 -0.48 -6.84
CA LEU B 103 -0.93 -0.88 -5.79
C LEU B 103 -0.55 0.37 -5.01
N ARG B 104 0.58 0.34 -4.30
CA ARG B 104 0.88 1.45 -3.38
C ARG B 104 1.41 2.68 -4.10
N GLY B 105 2.21 2.50 -5.16
CA GLY B 105 2.81 3.65 -5.80
C GLY B 105 3.71 3.21 -6.92
N THR B 106 4.37 4.19 -7.53
CA THR B 106 5.28 3.90 -8.64
C THR B 106 6.29 2.83 -8.28
N THR B 107 6.84 2.92 -7.07
CA THR B 107 7.92 2.02 -6.67
C THR B 107 7.42 0.58 -6.62
N GLU B 108 6.24 0.35 -6.03
CA GLU B 108 5.68 -1.00 -6.03
C GLU B 108 5.39 -1.47 -7.46
N ALA B 109 4.87 -0.58 -8.32
CA ALA B 109 4.56 -0.96 -9.69
C ALA B 109 5.79 -1.44 -10.44
N ILE B 110 6.90 -0.69 -10.31
CA ILE B 110 8.13 -1.10 -10.96
C ILE B 110 8.64 -2.40 -10.36
N ASN B 111 8.52 -2.58 -9.03
CA ASN B 111 8.95 -3.85 -8.45
C ASN B 111 8.09 -5.00 -8.93
N LEU B 112 6.81 -4.76 -9.17
CA LEU B 112 5.95 -5.79 -9.76
C LEU B 112 6.50 -6.21 -11.10
N VAL B 113 6.75 -5.25 -12.00
CA VAL B 113 7.26 -5.61 -13.33
C VAL B 113 8.62 -6.31 -13.24
N ALA B 114 9.51 -5.82 -12.37
CA ALA B 114 10.85 -6.41 -12.25
C ALA B 114 10.80 -7.83 -11.69
N HIS B 115 10.07 -8.04 -10.60
CA HIS B 115 10.04 -9.38 -9.99
C HIS B 115 9.26 -10.38 -10.84
N ALA B 116 8.09 -9.98 -11.32
CA ALA B 116 7.19 -10.95 -11.96
C ALA B 116 7.48 -11.10 -13.45
N TRP B 117 7.33 -10.01 -14.22
CA TRP B 117 7.66 -10.04 -15.64
C TRP B 117 9.15 -10.30 -15.84
N GLY B 118 9.99 -9.56 -15.11
CA GLY B 118 11.43 -9.72 -15.26
C GLY B 118 11.91 -11.09 -14.80
N GLY B 119 11.34 -11.60 -13.71
CA GLY B 119 11.71 -12.93 -13.26
C GLY B 119 11.43 -13.98 -14.32
N LYS B 120 10.37 -13.80 -15.09
CA LYS B 120 10.03 -14.76 -16.13
C LYS B 120 10.82 -14.54 -17.41
N HIS B 121 11.15 -13.28 -17.75
CA HIS B 121 11.60 -12.93 -19.09
C HIS B 121 13.01 -12.35 -19.18
N LEU B 122 13.67 -12.05 -18.07
CA LEU B 122 15.01 -11.48 -18.10
C LEU B 122 15.99 -12.50 -17.53
N GLY B 123 16.71 -13.20 -18.39
CA GLY B 123 17.65 -14.22 -17.97
C GLY B 123 19.08 -13.86 -18.30
N PRO B 124 20.00 -14.81 -18.09
CA PRO B 124 21.43 -14.55 -18.33
C PRO B 124 21.72 -14.02 -19.72
N GLY B 125 22.43 -12.89 -19.77
CA GLY B 125 22.76 -12.26 -21.02
C GLY B 125 21.69 -11.40 -21.64
N ASP B 126 20.45 -11.45 -21.14
CA ASP B 126 19.42 -10.55 -21.62
C ASP B 126 19.71 -9.14 -21.13
N GLU B 127 19.37 -8.15 -21.95
CA GLU B 127 19.78 -6.78 -21.67
C GLU B 127 18.59 -5.90 -21.28
N ILE B 128 18.83 -5.03 -20.31
CA ILE B 128 17.90 -4.00 -19.87
C ILE B 128 18.55 -2.66 -20.15
N VAL B 129 17.81 -1.74 -20.74
CA VAL B 129 18.31 -0.39 -21.01
C VAL B 129 17.44 0.60 -20.23
N ILE B 130 18.09 1.36 -19.35
CA ILE B 130 17.47 2.48 -18.65
C ILE B 130 18.22 3.74 -19.07
N THR B 131 17.72 4.90 -18.65
CA THR B 131 18.45 6.14 -18.92
C THR B 131 19.20 6.62 -17.67
N HIS B 132 20.13 7.54 -17.89
CA HIS B 132 20.89 8.15 -16.80
C HIS B 132 20.03 9.02 -15.90
N LEU B 133 18.82 9.38 -16.33
CA LEU B 133 17.94 10.29 -15.60
C LEU B 133 17.10 9.60 -14.52
N GLU B 134 17.19 8.27 -14.38
CA GLU B 134 16.20 7.54 -13.60
C GLU B 134 16.26 7.87 -12.12
N HIS B 135 15.07 7.93 -11.53
CA HIS B 135 14.85 7.84 -10.10
C HIS B 135 15.32 6.47 -9.59
N HIS B 136 15.72 6.42 -8.32
CA HIS B 136 16.16 5.17 -7.72
C HIS B 136 15.11 4.06 -7.87
N ALA B 137 13.82 4.43 -7.90
CA ALA B 137 12.75 3.46 -8.09
C ALA B 137 12.86 2.71 -9.41
N ASN B 138 13.44 3.34 -10.43
CA ASN B 138 13.64 2.72 -11.73
C ASN B 138 15.09 2.31 -11.96
N ILE B 139 15.84 2.07 -10.87
CA ILE B 139 17.22 1.58 -10.94
C ILE B 139 17.36 0.32 -10.07
N VAL B 140 17.05 0.47 -8.78
CA VAL B 140 17.33 -0.62 -7.83
C VAL B 140 16.60 -1.91 -8.15
N PRO B 141 15.32 -1.90 -8.56
CA PRO B 141 14.67 -3.19 -8.91
C PRO B 141 15.37 -3.90 -10.04
N TRP B 142 15.90 -3.14 -11.02
CA TRP B 142 16.63 -3.77 -12.12
C TRP B 142 17.98 -4.31 -11.66
N GLN B 143 18.66 -3.61 -10.75
CA GLN B 143 19.90 -4.14 -10.17
C GLN B 143 19.66 -5.43 -9.41
N LEU B 144 18.60 -5.49 -8.59
CA LEU B 144 18.31 -6.70 -7.83
C LEU B 144 17.99 -7.87 -8.75
N LEU B 145 17.13 -7.64 -9.74
CA LEU B 145 16.84 -8.67 -10.74
C LEU B 145 18.12 -9.13 -11.44
N SER B 146 18.92 -8.16 -11.92
CA SER B 146 20.18 -8.44 -12.61
C SER B 146 21.09 -9.34 -11.78
N ARG B 147 21.19 -9.05 -10.48
CA ARG B 147 22.06 -9.87 -9.64
C ARG B 147 21.49 -11.26 -9.43
N GLN B 148 20.16 -11.41 -9.56
CA GLN B 148 19.57 -12.75 -9.43
C GLN B 148 19.75 -13.59 -10.70
N THR B 149 19.71 -12.98 -11.88
CA THR B 149 19.59 -13.72 -13.12
C THR B 149 20.78 -13.58 -14.09
N GLY B 150 21.72 -12.69 -13.83
CA GLY B 150 22.76 -12.44 -14.81
C GLY B 150 22.35 -11.59 -16.00
N ALA B 151 21.16 -10.99 -15.98
CA ALA B 151 20.81 -9.98 -16.99
C ALA B 151 21.78 -8.80 -16.92
N VAL B 152 21.88 -8.08 -18.03
CA VAL B 152 22.87 -7.01 -18.19
C VAL B 152 22.14 -5.67 -18.21
N LEU B 153 22.54 -4.75 -17.34
CA LEU B 153 21.91 -3.44 -17.25
C LEU B 153 22.78 -2.41 -17.98
N LYS B 154 22.21 -1.76 -18.99
CA LYS B 154 22.88 -0.69 -19.72
C LYS B 154 22.18 0.64 -19.43
N VAL B 155 22.94 1.73 -19.51
CA VAL B 155 22.45 3.06 -19.15
C VAL B 155 22.70 4.03 -20.30
N ALA B 156 21.63 4.59 -20.85
CA ALA B 156 21.75 5.53 -21.95
C ALA B 156 22.16 6.91 -21.44
N PRO B 157 23.14 7.56 -22.07
CA PRO B 157 23.70 8.81 -21.50
C PRO B 157 22.89 10.04 -21.85
N VAL B 158 23.27 11.15 -21.19
CA VAL B 158 22.74 12.48 -21.44
C VAL B 158 23.91 13.41 -21.73
N ASP B 159 23.59 14.57 -22.29
CA ASP B 159 24.61 15.61 -22.43
C ASP B 159 24.67 16.47 -21.15
N ASP B 160 25.54 17.48 -21.16
CA ASP B 160 25.77 18.27 -19.95
C ASP B 160 24.52 19.04 -19.53
N ALA B 161 23.63 19.33 -20.48
CA ALA B 161 22.38 20.02 -20.20
C ALA B 161 21.30 19.10 -19.64
N GLY B 162 21.50 17.78 -19.67
CA GLY B 162 20.48 16.84 -19.22
C GLY B 162 19.55 16.32 -20.30
N ASN B 163 19.89 16.49 -21.58
CA ASN B 163 19.10 15.93 -22.67
C ASN B 163 19.48 14.46 -22.89
N LEU B 164 18.47 13.61 -23.13
CA LEU B 164 18.76 12.25 -23.53
C LEU B 164 19.35 12.23 -24.93
N LEU B 165 20.45 11.49 -25.12
CA LEU B 165 21.14 11.40 -26.41
C LEU B 165 20.55 10.25 -27.20
N LEU B 166 19.77 10.56 -28.23
CA LEU B 166 18.99 9.51 -28.90
C LEU B 166 19.87 8.56 -29.71
N GLY B 167 20.92 9.09 -30.34
CA GLY B 167 21.80 8.21 -31.11
C GLY B 167 22.51 7.20 -30.23
N GLU B 168 23.08 7.65 -29.12
CA GLU B 168 23.73 6.76 -28.16
C GLU B 168 22.73 5.78 -27.54
N PHE B 169 21.52 6.25 -27.26
CA PHE B 169 20.48 5.35 -26.76
C PHE B 169 20.22 4.22 -27.76
N GLU B 170 20.00 4.57 -29.03
CA GLU B 170 19.72 3.56 -30.05
C GLU B 170 20.91 2.62 -30.22
N ASP B 171 22.14 3.16 -30.14
CA ASP B 171 23.35 2.32 -30.17
C ASP B 171 23.38 1.31 -29.03
N LEU B 172 22.66 1.55 -27.94
CA LEU B 172 22.63 0.54 -26.89
C LEU B 172 21.68 -0.62 -27.19
N LEU B 173 20.79 -0.49 -28.16
CA LEU B 173 19.80 -1.52 -28.43
C LEU B 173 20.36 -2.58 -29.37
N GLY B 174 19.91 -3.82 -29.20
CA GLY B 174 20.34 -4.90 -30.05
C GLY B 174 19.47 -6.14 -29.90
N PRO B 175 19.92 -7.25 -30.47
CA PRO B 175 19.09 -8.48 -30.45
C PRO B 175 18.91 -9.09 -29.07
N ARG B 176 19.65 -8.65 -28.04
CA ARG B 176 19.45 -9.18 -26.69
C ARG B 176 18.70 -8.20 -25.78
N THR B 177 18.18 -7.10 -26.32
CA THR B 177 17.44 -6.14 -25.49
C THR B 177 16.03 -6.67 -25.25
N LYS B 178 15.73 -7.00 -24.00
CA LYS B 178 14.39 -7.45 -23.65
C LYS B 178 13.51 -6.33 -23.11
N LEU B 179 14.10 -5.31 -22.49
CA LEU B 179 13.31 -4.29 -21.83
C LEU B 179 14.03 -2.96 -21.91
N VAL B 180 13.27 -1.91 -22.21
CA VAL B 180 13.69 -0.53 -22.03
C VAL B 180 12.83 0.05 -20.92
N ALA B 181 13.45 0.63 -19.91
CA ALA B 181 12.73 1.28 -18.81
C ALA B 181 13.22 2.72 -18.73
N ALA B 182 12.36 3.68 -19.08
CA ALA B 182 12.76 5.07 -19.21
C ALA B 182 11.82 6.01 -18.48
N THR B 183 12.37 7.03 -17.83
CA THR B 183 11.52 8.07 -17.25
C THR B 183 10.98 8.97 -18.34
N GLN B 184 9.74 9.43 -18.18
CA GLN B 184 9.22 10.45 -19.08
C GLN B 184 9.62 11.85 -18.64
N VAL B 185 9.68 12.10 -17.34
CA VAL B 185 10.13 13.38 -16.80
C VAL B 185 11.07 13.11 -15.64
N SER B 186 12.25 13.70 -15.70
CA SER B 186 13.24 13.52 -14.65
C SER B 186 12.84 14.31 -13.41
N ASN B 187 12.73 13.64 -12.27
CA ASN B 187 12.36 14.34 -11.05
C ASN B 187 13.47 15.24 -10.50
N ALA B 188 14.72 15.01 -10.89
CA ALA B 188 15.82 15.83 -10.39
C ALA B 188 16.17 16.98 -11.32
N LEU B 189 15.99 16.79 -12.63
CA LEU B 189 16.37 17.80 -13.62
C LEU B 189 15.19 18.42 -14.35
N GLY B 190 14.02 17.78 -14.34
CA GLY B 190 12.89 18.24 -15.12
C GLY B 190 12.92 17.88 -16.59
N THR B 191 13.96 17.20 -17.07
CA THR B 191 14.04 16.86 -18.49
C THR B 191 12.82 16.05 -18.92
N VAL B 192 12.22 16.45 -20.04
CA VAL B 192 11.18 15.69 -20.70
C VAL B 192 11.83 14.86 -21.79
N THR B 193 11.68 13.54 -21.71
CA THR B 193 12.30 12.70 -22.72
C THR B 193 11.32 12.40 -23.86
N PRO B 194 11.83 12.10 -25.06
CA PRO B 194 10.95 11.81 -26.21
C PRO B 194 10.39 10.38 -26.16
N VAL B 195 9.34 10.19 -25.36
CA VAL B 195 8.89 8.84 -25.06
C VAL B 195 8.35 8.14 -26.30
N GLU B 196 7.71 8.86 -27.23
CA GLU B 196 7.24 8.21 -28.44
C GLU B 196 8.40 7.57 -29.20
N THR B 197 9.49 8.32 -29.36
CA THR B 197 10.68 7.77 -30.01
C THR B 197 11.24 6.59 -29.24
N ILE B 198 11.30 6.70 -27.91
CA ILE B 198 11.86 5.64 -27.08
C ILE B 198 11.05 4.36 -27.25
N VAL B 199 9.73 4.46 -27.18
CA VAL B 199 8.87 3.30 -27.35
C VAL B 199 9.08 2.70 -28.75
N GLU B 200 9.02 3.53 -29.78
CA GLU B 200 9.13 3.00 -31.15
C GLU B 200 10.47 2.30 -31.36
N LEU B 201 11.55 2.90 -30.84
CA LEU B 201 12.87 2.29 -30.98
C LEU B 201 12.96 0.98 -30.22
N GLY B 202 12.51 0.96 -28.97
CA GLY B 202 12.54 -0.27 -28.21
C GLY B 202 11.78 -1.39 -28.90
N HIS B 203 10.59 -1.07 -29.41
CA HIS B 203 9.78 -2.06 -30.11
C HIS B 203 10.48 -2.55 -31.37
N ARG B 204 11.10 -1.62 -32.11
CA ARG B 204 11.81 -2.01 -33.32
C ARG B 204 12.90 -3.04 -33.03
N TYR B 205 13.57 -2.91 -31.89
CA TYR B 205 14.65 -3.81 -31.54
C TYR B 205 14.19 -5.03 -30.73
N GLY B 206 12.88 -5.19 -30.53
CA GLY B 206 12.33 -6.38 -29.91
C GLY B 206 12.12 -6.31 -28.42
N ALA B 207 12.17 -5.14 -27.81
CA ALA B 207 12.01 -5.03 -26.36
C ALA B 207 10.62 -4.54 -25.99
N ARG B 208 10.15 -4.97 -24.81
CA ARG B 208 9.07 -4.23 -24.15
C ARG B 208 9.60 -2.90 -23.62
N VAL B 209 8.70 -1.95 -23.40
CA VAL B 209 9.08 -0.62 -22.91
C VAL B 209 8.18 -0.24 -21.74
N LEU B 210 8.81 0.06 -20.60
CA LEU B 210 8.16 0.60 -19.41
C LEU B 210 8.52 2.08 -19.32
N ILE B 211 7.51 2.90 -19.06
CA ILE B 211 7.65 4.34 -18.93
C ILE B 211 7.32 4.71 -17.48
N ASP B 212 8.27 5.37 -16.82
CA ASP B 212 8.09 5.93 -15.48
C ASP B 212 7.41 7.28 -15.63
N GLY B 213 6.11 7.32 -15.37
CA GLY B 213 5.32 8.53 -15.49
C GLY B 213 5.02 9.27 -14.21
N ALA B 214 5.71 8.98 -13.10
CA ALA B 214 5.37 9.62 -11.83
C ALA B 214 5.43 11.15 -11.91
N GLN B 215 6.29 11.70 -12.76
CA GLN B 215 6.41 13.14 -12.90
C GLN B 215 5.85 13.67 -14.22
N SER B 216 5.41 12.79 -15.12
CA SER B 216 4.80 13.26 -16.35
C SER B 216 3.28 13.38 -16.21
N ILE B 217 2.64 12.42 -15.56
CA ILE B 217 1.17 12.43 -15.47
C ILE B 217 0.58 13.67 -14.79
N PRO B 218 1.20 14.35 -13.81
CA PRO B 218 0.59 15.59 -13.32
C PRO B 218 0.82 16.81 -14.21
N HIS B 219 1.65 16.69 -15.24
CA HIS B 219 2.17 17.86 -15.96
C HIS B 219 1.92 17.85 -17.46
N MET B 220 1.38 16.79 -18.03
CA MET B 220 1.17 16.73 -19.47
C MET B 220 0.15 15.63 -19.76
N PRO B 221 -0.56 15.72 -20.90
CA PRO B 221 -1.54 14.67 -21.21
C PRO B 221 -0.86 13.35 -21.51
N ILE B 222 -1.45 12.28 -21.01
CA ILE B 222 -0.96 10.91 -21.21
C ILE B 222 -2.00 10.14 -22.02
N ASP B 223 -1.55 9.46 -23.06
CA ASP B 223 -2.40 8.59 -23.87
C ASP B 223 -1.60 7.31 -24.11
N VAL B 224 -1.78 6.33 -23.22
CA VAL B 224 -0.91 5.17 -23.26
C VAL B 224 -1.23 4.26 -24.44
N ALA B 225 -2.50 4.24 -24.89
CA ALA B 225 -2.82 3.43 -26.06
C ALA B 225 -2.16 3.99 -27.30
N ALA B 226 -2.12 5.33 -27.42
CA ALA B 226 -1.45 5.95 -28.55
C ALA B 226 0.06 5.94 -28.39
N LEU B 227 0.56 6.04 -27.16
CA LEU B 227 1.99 5.92 -26.92
C LEU B 227 2.50 4.52 -27.25
N GLY B 228 1.70 3.50 -26.96
CA GLY B 228 2.10 2.14 -27.22
C GLY B 228 3.01 1.53 -26.19
N ALA B 229 3.28 2.22 -25.07
CA ALA B 229 4.14 1.65 -24.04
C ALA B 229 3.56 0.36 -23.50
N ASP B 230 4.44 -0.60 -23.20
CA ASP B 230 3.98 -1.86 -22.64
C ASP B 230 3.57 -1.70 -21.19
N PHE B 231 4.30 -0.87 -20.44
CA PHE B 231 3.97 -0.58 -19.05
C PHE B 231 4.09 0.92 -18.81
N PHE B 232 3.24 1.44 -17.92
CA PHE B 232 3.27 2.85 -17.55
C PHE B 232 2.95 2.94 -16.07
N VAL B 233 3.77 3.64 -15.29
CA VAL B 233 3.58 3.61 -13.84
C VAL B 233 3.46 5.02 -13.28
N PHE B 234 2.60 5.18 -12.25
CA PHE B 234 2.56 6.49 -11.57
C PHE B 234 2.02 6.35 -10.14
N SER B 235 2.18 7.44 -9.36
CA SER B 235 1.84 7.51 -7.94
C SER B 235 0.74 8.52 -7.71
N GLY B 236 -0.27 8.14 -6.93
CA GLY B 236 -1.42 9.03 -6.72
C GLY B 236 -1.07 10.32 -5.99
N HIS B 237 -0.15 10.24 -5.05
CA HIS B 237 0.08 11.39 -4.17
C HIS B 237 0.83 12.53 -4.90
N1 LLP B 238 9.91 7.90 -10.32
C2 LLP B 238 9.87 9.23 -10.38
C2' LLP B 238 10.30 9.97 -11.69
C3 LLP B 238 9.44 9.97 -9.26
O3 LLP B 238 9.39 11.36 -9.33
C4 LLP B 238 9.05 9.32 -8.10
C4' LLP B 238 8.56 10.22 -6.86
C5 LLP B 238 9.07 7.95 -8.03
C6 LLP B 238 9.52 7.23 -9.14
C5' LLP B 238 8.68 7.14 -6.74
OP4 LLP B 238 7.28 7.21 -6.43
P LLP B 238 6.78 6.68 -5.03
OP1 LLP B 238 5.38 7.25 -4.80
OP2 LLP B 238 7.74 7.12 -3.97
OP3 LLP B 238 6.68 5.19 -5.02
N LLP B 238 1.40 12.24 -6.06
CA LLP B 238 2.03 13.28 -6.89
CB LLP B 238 3.20 12.74 -7.67
CG LLP B 238 4.37 12.35 -6.74
CD LLP B 238 5.64 12.20 -7.59
CE LLP B 238 6.85 11.85 -6.72
NZ LLP B 238 7.17 10.46 -7.02
C LLP B 238 1.05 13.84 -7.87
O LLP B 238 1.41 14.74 -8.62
N ILE B 239 -0.18 13.32 -7.91
CA ILE B 239 -1.20 13.97 -8.72
C ILE B 239 -2.43 14.33 -7.85
N TYR B 240 -2.16 15.04 -6.74
CA TYR B 240 -3.19 15.65 -5.88
C TYR B 240 -4.08 14.61 -5.20
N GLY B 241 -3.64 13.36 -5.13
CA GLY B 241 -4.43 12.30 -4.52
C GLY B 241 -3.88 11.80 -3.21
N PRO B 242 -4.55 10.83 -2.60
CA PRO B 242 -4.10 10.29 -1.30
C PRO B 242 -2.75 9.60 -1.40
N THR B 243 -2.08 9.49 -0.25
CA THR B 243 -0.93 8.60 -0.19
C THR B 243 -1.41 7.15 -0.26
N GLY B 244 -0.46 6.25 -0.45
CA GLY B 244 -0.74 4.84 -0.42
C GLY B 244 -1.40 4.25 -1.65
N ILE B 245 -1.50 5.01 -2.75
CA ILE B 245 -2.16 4.49 -3.97
C ILE B 245 -1.35 4.90 -5.19
N GLY B 246 -1.20 3.97 -6.12
CA GLY B 246 -0.57 4.20 -7.39
C GLY B 246 -1.07 3.17 -8.37
N VAL B 247 -0.54 3.25 -9.59
CA VAL B 247 -1.08 2.48 -10.71
C VAL B 247 0.06 1.90 -11.55
N LEU B 248 -0.11 0.63 -11.92
CA LEU B 248 0.63 0.02 -13.02
C LEU B 248 -0.36 -0.20 -14.16
N TYR B 249 -0.13 0.48 -15.29
CA TYR B 249 -0.80 0.11 -16.51
C TYR B 249 0.08 -0.87 -17.26
N GLY B 250 -0.52 -1.92 -17.80
CA GLY B 250 0.16 -2.83 -18.68
C GLY B 250 -0.75 -3.19 -19.84
N ARG B 251 -0.23 -3.15 -21.07
CA ARG B 251 -0.97 -3.66 -22.20
C ARG B 251 -1.38 -5.09 -21.92
N GLU B 252 -2.57 -5.47 -22.41
CA GLU B 252 -3.11 -6.75 -22.00
C GLU B 252 -2.21 -7.91 -22.46
N ASP B 253 -1.53 -7.78 -23.60
CA ASP B 253 -0.61 -8.87 -24.02
C ASP B 253 0.62 -8.94 -23.10
N ALA B 254 1.13 -7.79 -22.65
CA ALA B 254 2.23 -7.78 -21.68
C ALA B 254 1.79 -8.39 -20.35
N LEU B 255 0.60 -8.00 -19.86
CA LEU B 255 0.08 -8.59 -18.63
C LEU B 255 -0.16 -10.08 -18.80
N ALA B 256 -0.61 -10.49 -19.99
CA ALA B 256 -0.89 -11.90 -20.24
C ALA B 256 0.36 -12.74 -20.10
N GLU B 257 1.53 -12.16 -20.41
CA GLU B 257 2.78 -12.91 -20.23
C GLU B 257 3.46 -12.64 -18.88
N THR B 258 2.77 -12.02 -17.93
CA THR B 258 3.33 -11.73 -16.61
C THR B 258 2.74 -12.67 -15.58
N PRO B 259 3.53 -13.49 -14.89
CA PRO B 259 2.97 -14.37 -13.85
C PRO B 259 2.51 -13.54 -12.66
N PRO B 260 1.76 -14.12 -11.73
CA PRO B 260 1.40 -13.36 -10.53
C PRO B 260 2.63 -13.05 -9.69
N TRP B 261 2.53 -11.99 -8.93
CA TRP B 261 3.64 -11.62 -8.06
C TRP B 261 3.31 -12.03 -6.63
N GLN B 262 2.50 -11.23 -5.92
CA GLN B 262 2.06 -11.59 -4.58
C GLN B 262 0.86 -12.54 -4.65
N GLY B 263 0.82 -13.51 -3.72
CA GLY B 263 -0.27 -14.48 -3.67
C GLY B 263 -1.14 -14.29 -2.45
N GLY B 264 -2.41 -14.70 -2.57
CA GLY B 264 -3.34 -14.61 -1.46
C GLY B 264 -4.77 -14.51 -1.97
N GLY B 265 -5.66 -13.98 -1.12
CA GLY B 265 -7.02 -13.73 -1.54
C GLY B 265 -7.09 -12.75 -2.68
N ASN B 266 -8.25 -12.73 -3.32
CA ASN B 266 -8.58 -11.86 -4.46
C ASN B 266 -7.88 -12.29 -5.74
N MET B 267 -6.59 -12.61 -5.67
CA MET B 267 -5.91 -13.03 -6.89
C MET B 267 -6.11 -14.51 -7.22
N ILE B 268 -6.61 -15.33 -6.27
CA ILE B 268 -6.86 -16.74 -6.56
C ILE B 268 -8.28 -16.92 -7.11
N ALA B 269 -8.47 -17.97 -7.88
CA ALA B 269 -9.79 -18.47 -8.24
C ALA B 269 -10.20 -19.68 -7.41
N ASP B 270 -9.24 -20.51 -7.01
CA ASP B 270 -9.50 -21.71 -6.23
C ASP B 270 -8.24 -22.12 -5.48
N VAL B 271 -8.40 -22.50 -4.22
CA VAL B 271 -7.29 -22.95 -3.39
C VAL B 271 -7.64 -24.32 -2.80
N THR B 272 -6.76 -25.28 -3.00
CA THR B 272 -6.69 -26.49 -2.19
C THR B 272 -5.31 -26.54 -1.55
N LEU B 273 -5.13 -27.44 -0.59
CA LEU B 273 -3.81 -27.58 0.00
C LEU B 273 -2.76 -27.96 -1.04
N GLU B 274 -3.19 -28.63 -2.11
CA GLU B 274 -2.25 -29.09 -3.12
C GLU B 274 -1.81 -27.96 -4.06
N ARG B 275 -2.75 -27.14 -4.53
CA ARG B 275 -2.41 -26.13 -5.53
C ARG B 275 -3.47 -25.04 -5.53
N SER B 276 -3.11 -23.89 -6.08
CA SER B 276 -4.04 -22.79 -6.27
C SER B 276 -4.08 -22.37 -7.73
N LEU B 277 -5.28 -22.09 -8.22
CA LEU B 277 -5.48 -21.55 -9.57
C LEU B 277 -5.70 -20.05 -9.47
N TYR B 278 -5.26 -19.31 -10.47
CA TYR B 278 -5.24 -17.85 -10.38
C TYR B 278 -6.31 -17.24 -11.27
N GLN B 279 -6.78 -16.07 -10.86
CA GLN B 279 -7.68 -15.26 -11.67
C GLN B 279 -6.94 -14.63 -12.83
N GLY B 280 -7.72 -14.05 -13.76
CA GLY B 280 -7.18 -13.17 -14.76
C GLY B 280 -7.03 -11.75 -14.24
N PRO B 281 -6.49 -10.86 -15.06
CA PRO B 281 -6.26 -9.47 -14.63
C PRO B 281 -7.55 -8.67 -14.56
N PRO B 282 -7.61 -7.62 -13.73
CA PRO B 282 -6.56 -7.11 -12.85
C PRO B 282 -6.38 -7.92 -11.56
N ASN B 283 -7.37 -8.74 -11.18
CA ASN B 283 -7.35 -9.44 -9.91
C ASN B 283 -6.06 -10.25 -9.72
N LYS B 284 -5.57 -10.85 -10.82
CA LYS B 284 -4.35 -11.64 -10.82
C LYS B 284 -3.20 -10.94 -10.10
N PHE B 285 -3.13 -9.62 -10.21
CA PHE B 285 -2.01 -8.85 -9.66
C PHE B 285 -2.36 -8.09 -8.39
N GLU B 286 -3.56 -8.25 -7.86
CA GLU B 286 -3.96 -7.54 -6.63
C GLU B 286 -4.26 -8.59 -5.57
N ALA B 287 -3.29 -8.85 -4.71
CA ALA B 287 -3.39 -9.85 -3.67
C ALA B 287 -3.86 -9.18 -2.38
N GLY B 288 -4.90 -9.74 -1.75
CA GLY B 288 -5.40 -9.19 -0.51
C GLY B 288 -6.39 -8.04 -0.70
N THR B 289 -6.87 -7.52 0.44
CA THR B 289 -7.77 -6.37 0.42
C THR B 289 -7.08 -5.19 -0.24
N GLY B 290 -7.72 -4.65 -1.26
CA GLY B 290 -7.17 -3.47 -1.89
C GLY B 290 -7.32 -2.24 -1.04
N ASN B 291 -6.53 -1.21 -1.36
CA ASN B 291 -6.67 0.09 -0.74
C ASN B 291 -7.86 0.81 -1.39
N ILE B 292 -9.06 0.34 -1.04
CA ILE B 292 -10.27 0.83 -1.69
C ILE B 292 -10.42 2.34 -1.51
N ALA B 293 -10.24 2.83 -0.27
CA ALA B 293 -10.55 4.22 0.01
C ALA B 293 -9.62 5.17 -0.77
N ASP B 294 -8.34 4.85 -0.82
CA ASP B 294 -7.42 5.76 -1.49
C ASP B 294 -7.56 5.71 -2.99
N ALA B 295 -7.94 4.54 -3.54
CA ALA B 295 -8.29 4.49 -4.96
C ALA B 295 -9.50 5.37 -5.24
N VAL B 296 -10.51 5.34 -4.37
CA VAL B 296 -11.66 6.24 -4.52
C VAL B 296 -11.22 7.71 -4.48
N GLY B 297 -10.34 8.03 -3.53
CA GLY B 297 -9.82 9.40 -3.46
C GLY B 297 -9.00 9.80 -4.67
N LEU B 298 -8.24 8.85 -5.24
CA LEU B 298 -7.49 9.14 -6.46
C LEU B 298 -8.44 9.41 -7.63
N GLY B 299 -9.54 8.66 -7.71
CA GLY B 299 -10.53 8.97 -8.73
C GLY B 299 -11.07 10.39 -8.61
N GLU B 300 -11.32 10.82 -7.36
CA GLU B 300 -11.74 12.20 -7.13
C GLU B 300 -10.68 13.20 -7.57
N ALA B 301 -9.40 12.88 -7.30
CA ALA B 301 -8.30 13.75 -7.73
C ALA B 301 -8.24 13.83 -9.25
N ILE B 302 -8.45 12.71 -9.92
CA ILE B 302 -8.44 12.70 -11.38
C ILE B 302 -9.54 13.58 -11.92
N ARG B 303 -10.76 13.46 -11.35
CA ARG B 303 -11.85 14.33 -11.77
C ARG B 303 -11.52 15.82 -11.55
N TYR B 304 -10.85 16.15 -10.44
CA TYR B 304 -10.44 17.53 -10.22
C TYR B 304 -9.49 18.01 -11.33
N VAL B 305 -8.47 17.21 -11.61
CA VAL B 305 -7.54 17.59 -12.68
C VAL B 305 -8.27 17.72 -14.01
N GLU B 306 -9.24 16.82 -14.25
CA GLU B 306 -9.93 16.83 -15.55
C GLU B 306 -10.80 18.06 -15.69
N ARG B 307 -11.44 18.48 -14.60
CA ARG B 307 -12.20 19.72 -14.64
C ARG B 307 -11.30 20.90 -14.95
N VAL B 308 -10.08 20.93 -14.39
CA VAL B 308 -9.22 22.07 -14.70
C VAL B 308 -8.70 21.98 -16.13
N GLY B 309 -8.34 20.79 -16.58
CA GLY B 309 -7.83 20.58 -17.93
C GLY B 309 -6.33 20.40 -17.97
N ILE B 310 -5.85 19.21 -18.35
CA ILE B 310 -4.42 18.92 -18.24
C ILE B 310 -3.60 19.76 -19.22
N GLU B 311 -4.17 20.12 -20.39
CA GLU B 311 -3.43 21.01 -21.30
C GLU B 311 -3.34 22.43 -20.76
N ARG B 312 -4.39 22.90 -20.07
CA ARG B 312 -4.30 24.22 -19.44
C ARG B 312 -3.31 24.21 -18.29
N ILE B 313 -3.30 23.14 -17.48
CA ILE B 313 -2.31 22.98 -16.42
C ILE B 313 -0.91 23.01 -17.02
N ALA B 314 -0.70 22.27 -18.11
CA ALA B 314 0.62 22.19 -18.72
C ALA B 314 1.07 23.57 -19.20
N ALA B 315 0.17 24.31 -19.87
CA ALA B 315 0.53 25.65 -20.35
C ALA B 315 0.87 26.58 -19.19
N TYR B 316 0.06 26.57 -18.12
CA TYR B 316 0.30 27.47 -17.00
C TYR B 316 1.62 27.16 -16.31
N GLU B 317 1.87 25.87 -16.05
CA GLU B 317 3.11 25.47 -15.39
C GLU B 317 4.31 25.78 -16.26
N HIS B 318 4.18 25.62 -17.58
CA HIS B 318 5.26 26.03 -18.48
C HIS B 318 5.55 27.52 -18.32
N ALA B 319 4.50 28.33 -18.22
CA ALA B 319 4.70 29.76 -17.96
C ALA B 319 5.45 29.99 -16.66
N LEU B 320 5.06 29.28 -15.59
CA LEU B 320 5.73 29.44 -14.31
C LEU B 320 7.22 29.15 -14.43
N LEU B 321 7.56 27.99 -15.03
CA LEU B 321 8.97 27.60 -15.14
C LEU B 321 9.74 28.60 -15.98
N GLU B 322 9.13 29.07 -17.09
CA GLU B 322 9.78 30.05 -17.95
C GLU B 322 10.03 31.36 -17.22
N TYR B 323 9.08 31.78 -16.40
CA TYR B 323 9.25 33.00 -15.61
C TYR B 323 10.40 32.83 -14.62
N ALA B 324 10.46 31.67 -13.95
CA ALA B 324 11.40 31.51 -12.85
C ALA B 324 12.84 31.33 -13.33
N THR B 325 13.03 30.62 -14.44
CA THR B 325 14.38 30.18 -14.79
C THR B 325 15.36 31.32 -15.05
N PRO B 326 15.07 32.33 -15.88
CA PRO B 326 16.05 33.41 -16.06
C PRO B 326 16.25 34.25 -14.81
N ARG B 327 15.19 34.45 -14.01
CA ARG B 327 15.33 35.30 -12.83
C ARG B 327 16.21 34.63 -11.78
N LEU B 328 16.04 33.32 -11.60
CA LEU B 328 16.94 32.59 -10.71
C LEU B 328 18.35 32.55 -11.28
N ALA B 329 18.48 32.33 -12.58
CA ALA B 329 19.81 32.18 -13.19
C ALA B 329 20.62 33.47 -13.13
N ALA B 330 19.95 34.61 -13.01
CA ALA B 330 20.63 35.91 -13.00
C ALA B 330 21.25 36.24 -11.66
N ILE B 331 20.97 35.46 -10.63
CA ILE B 331 21.56 35.75 -9.30
C ILE B 331 23.03 35.33 -9.31
N PRO B 332 23.95 36.23 -8.98
CA PRO B 332 25.37 35.84 -8.90
C PRO B 332 25.56 34.70 -7.91
N GLY B 333 26.32 33.69 -8.33
CA GLY B 333 26.53 32.49 -7.57
C GLY B 333 25.68 31.30 -8.02
N VAL B 334 24.52 31.56 -8.63
CA VAL B 334 23.58 30.49 -8.93
C VAL B 334 23.98 29.81 -10.23
N ARG B 335 23.95 28.48 -10.23
CA ARG B 335 24.07 27.68 -11.44
C ARG B 335 22.82 26.80 -11.59
N ILE B 336 22.20 26.83 -12.77
CA ILE B 336 21.04 25.99 -13.04
C ILE B 336 21.52 24.58 -13.41
N VAL B 337 20.89 23.56 -12.82
CA VAL B 337 21.25 22.17 -13.07
C VAL B 337 20.09 21.51 -13.82
N GLY B 338 20.31 21.22 -15.09
CA GLY B 338 19.26 20.71 -15.93
C GLY B 338 18.66 21.80 -16.80
N THR B 339 19.16 21.92 -18.03
CA THR B 339 18.69 22.92 -18.97
C THR B 339 18.31 22.25 -20.29
N ALA B 340 17.55 21.18 -20.19
CA ALA B 340 17.19 20.38 -21.35
C ALA B 340 16.27 21.18 -22.29
N GLN B 341 16.19 20.70 -23.54
CA GLN B 341 15.38 21.39 -24.54
C GLN B 341 13.92 21.48 -24.14
N GLU B 342 13.42 20.47 -23.43
CA GLU B 342 12.03 20.44 -22.97
C GLU B 342 12.02 20.04 -21.50
N LYS B 343 11.38 20.86 -20.66
CA LYS B 343 11.37 20.63 -19.22
C LYS B 343 9.94 20.72 -18.71
N ALA B 344 9.71 20.09 -17.56
CA ALA B 344 8.46 20.25 -16.83
C ALA B 344 8.74 20.37 -15.33
N SER B 345 8.19 21.42 -14.71
CA SER B 345 8.03 21.57 -13.26
C SER B 345 9.33 21.86 -12.48
N VAL B 346 10.37 21.04 -12.67
CA VAL B 346 11.52 21.02 -11.77
C VAL B 346 12.53 22.09 -12.16
N LEU B 347 13.14 22.76 -11.16
CA LEU B 347 14.18 23.76 -11.41
C LEU B 347 15.31 23.57 -10.38
N SER B 348 16.18 22.59 -10.63
CA SER B 348 17.35 22.39 -9.78
C SER B 348 18.38 23.49 -9.99
N PHE B 349 19.07 23.84 -8.89
CA PHE B 349 20.19 24.78 -8.95
C PHE B 349 21.12 24.54 -7.77
N VAL B 350 22.30 25.15 -7.87
CA VAL B 350 23.25 25.21 -6.75
C VAL B 350 23.68 26.66 -6.60
N LEU B 351 24.24 26.97 -5.43
CA LEU B 351 24.66 28.33 -5.10
C LEU B 351 26.07 28.30 -4.54
N ALA B 352 27.00 29.00 -5.21
CA ALA B 352 28.40 29.02 -4.79
C ALA B 352 28.54 29.47 -3.33
N GLY B 353 29.39 28.76 -2.59
CA GLY B 353 29.65 29.11 -1.21
C GLY B 353 28.60 28.65 -0.21
N HIS B 354 27.62 27.85 -0.65
CA HIS B 354 26.55 27.38 0.22
C HIS B 354 26.24 25.92 -0.10
N GLU B 355 26.09 25.11 0.96
CA GLU B 355 25.65 23.74 0.75
C GLU B 355 24.15 23.69 0.55
N PRO B 356 23.66 22.89 -0.39
CA PRO B 356 22.21 22.86 -0.68
C PRO B 356 21.30 22.73 0.53
N LEU B 357 21.60 21.86 1.50
CA LEU B 357 20.69 21.64 2.62
C LEU B 357 20.53 22.92 3.45
N GLU B 358 21.62 23.65 3.68
CA GLU B 358 21.54 24.92 4.39
C GLU B 358 20.69 25.93 3.61
N VAL B 359 20.80 25.91 2.28
CA VAL B 359 19.95 26.77 1.46
C VAL B 359 18.48 26.39 1.66
N GLY B 360 18.20 25.09 1.68
CA GLY B 360 16.81 24.66 1.87
C GLY B 360 16.26 25.09 3.21
N LYS B 361 17.08 24.99 4.26
CA LYS B 361 16.61 25.42 5.58
C LYS B 361 16.39 26.92 5.64
N ALA B 362 17.29 27.69 5.01
CA ALA B 362 17.09 29.15 4.96
C ALA B 362 15.83 29.50 4.19
N LEU B 363 15.55 28.78 3.11
CA LEU B 363 14.33 29.04 2.36
C LEU B 363 13.10 28.70 3.18
N ASN B 364 13.18 27.62 3.97
CA ASN B 364 12.06 27.25 4.84
C ASN B 364 11.80 28.32 5.89
N ALA B 365 12.87 28.94 6.41
CA ALA B 365 12.67 30.04 7.35
C ALA B 365 11.85 31.18 6.74
N GLU B 366 11.87 31.31 5.42
CA GLU B 366 11.06 32.28 4.69
C GLU B 366 9.67 31.74 4.35
N GLY B 367 9.36 30.52 4.75
CA GLY B 367 8.08 29.90 4.44
C GLY B 367 8.09 29.00 3.22
N ILE B 368 9.21 28.93 2.50
CA ILE B 368 9.29 28.23 1.22
C ILE B 368 9.76 26.80 1.44
N ALA B 369 8.96 25.84 0.97
CA ALA B 369 9.29 24.42 1.07
C ALA B 369 9.92 23.95 -0.25
N VAL B 370 11.19 23.57 -0.20
CA VAL B 370 11.87 22.92 -1.32
C VAL B 370 12.64 21.71 -0.79
N ARG B 371 13.06 20.83 -1.70
CA ARG B 371 13.96 19.73 -1.35
C ARG B 371 15.39 20.14 -1.64
N ALA B 372 16.28 19.78 -0.72
CA ALA B 372 17.71 19.97 -0.92
C ALA B 372 18.38 18.65 -0.64
N GLY B 373 18.98 18.07 -1.66
CA GLY B 373 19.55 16.74 -1.48
C GLY B 373 19.77 16.10 -2.83
N HIS B 374 19.77 14.77 -2.83
CA HIS B 374 20.02 14.03 -4.06
C HIS B 374 18.74 13.60 -4.76
N HIS B 375 17.58 13.80 -4.13
CA HIS B 375 16.26 13.60 -4.76
C HIS B 375 16.05 12.16 -5.24
N CYS B 376 16.71 11.20 -4.59
CA CYS B 376 16.61 9.79 -4.98
C CYS B 376 17.00 9.64 -6.45
N ALA B 377 18.04 10.35 -6.85
CA ALA B 377 18.58 10.29 -8.21
C ALA B 377 20.07 10.60 -8.17
N GLN B 378 20.79 9.91 -7.30
CA GLN B 378 22.23 10.13 -7.19
C GLN B 378 22.97 9.98 -8.51
N PRO B 379 22.68 9.01 -9.39
CA PRO B 379 23.51 8.87 -10.60
C PRO B 379 23.45 10.08 -11.52
N ILE B 380 22.26 10.66 -11.77
CA ILE B 380 22.22 11.81 -12.66
C ILE B 380 22.93 13.02 -12.04
N LEU B 381 22.88 13.16 -10.71
CA LEU B 381 23.56 14.30 -10.09
C LEU B 381 25.08 14.12 -10.13
N ARG B 382 25.57 12.89 -9.92
CA ARG B 382 27.00 12.64 -10.12
C ARG B 382 27.40 12.93 -11.57
N ARG B 383 26.53 12.59 -12.53
CA ARG B 383 26.81 12.93 -13.92
C ARG B 383 26.97 14.45 -14.10
N MET B 384 26.28 15.23 -13.28
CA MET B 384 26.36 16.69 -13.31
C MET B 384 27.49 17.23 -12.43
N GLY B 385 28.25 16.36 -11.78
CA GLY B 385 29.33 16.80 -10.91
C GLY B 385 28.92 17.18 -9.51
N LEU B 386 27.76 16.70 -9.05
CA LEU B 386 27.13 17.20 -7.83
C LEU B 386 26.72 16.05 -6.94
N GLU B 387 26.63 16.34 -5.63
CA GLU B 387 26.10 15.39 -4.66
C GLU B 387 24.66 15.71 -4.29
N ALA B 388 24.19 16.90 -4.63
CA ALA B 388 22.93 17.44 -4.15
C ALA B 388 22.63 18.70 -4.94
N THR B 389 21.35 19.03 -5.04
CA THR B 389 20.94 20.33 -5.55
C THR B 389 19.80 20.84 -4.67
N VAL B 390 19.54 22.14 -4.80
CA VAL B 390 18.33 22.77 -4.28
C VAL B 390 17.30 22.71 -5.40
N ARG B 391 16.10 22.22 -5.11
CA ARG B 391 15.13 21.86 -6.14
C ARG B 391 13.73 22.33 -5.80
N PRO B 392 13.40 23.58 -6.12
CA PRO B 392 11.99 23.94 -6.23
C PRO B 392 11.36 23.24 -7.43
N SER B 393 10.06 22.93 -7.29
CA SER B 393 9.28 22.34 -8.36
C SER B 393 7.86 22.89 -8.27
N PHE B 394 7.31 23.27 -9.43
CA PHE B 394 6.10 24.05 -9.49
C PHE B 394 4.90 23.20 -9.89
N ALA B 395 3.74 23.61 -9.37
CA ALA B 395 2.46 23.00 -9.67
C ALA B 395 1.47 24.12 -9.99
N PHE B 396 0.32 23.74 -10.54
CA PHE B 396 -0.63 24.74 -11.03
C PHE B 396 -1.34 25.51 -9.92
N TYR B 397 -1.14 25.22 -8.64
CA TYR B 397 -1.60 26.17 -7.64
C TYR B 397 -0.52 27.17 -7.23
N ASN B 398 0.67 27.10 -7.82
CA ASN B 398 1.70 28.09 -7.54
C ASN B 398 1.51 29.34 -8.39
N THR B 399 2.12 30.46 -7.96
CA THR B 399 1.94 31.76 -8.59
C THR B 399 3.27 32.43 -8.92
N PHE B 400 3.20 33.43 -9.80
CA PHE B 400 4.37 34.27 -10.08
C PHE B 400 4.82 35.04 -8.84
N ASP B 401 3.87 35.46 -7.99
CA ASP B 401 4.23 36.16 -6.76
C ASP B 401 5.09 35.28 -5.83
N GLU B 402 4.71 34.00 -5.68
CA GLU B 402 5.51 33.10 -4.87
C GLU B 402 6.91 32.97 -5.45
N ILE B 403 7.00 32.87 -6.77
CA ILE B 403 8.31 32.81 -7.43
C ILE B 403 9.12 34.06 -7.12
N ASP B 404 8.46 35.23 -7.02
CA ASP B 404 9.20 36.45 -6.70
C ASP B 404 9.75 36.41 -5.28
N VAL B 405 8.94 35.92 -4.34
CA VAL B 405 9.42 35.73 -2.97
C VAL B 405 10.65 34.82 -2.96
N PHE B 406 10.56 33.70 -3.68
CA PHE B 406 11.65 32.72 -3.75
C PHE B 406 12.92 33.35 -4.33
N ILE B 407 12.78 34.14 -5.40
CA ILE B 407 13.95 34.78 -6.03
C ILE B 407 14.59 35.77 -5.06
N ASP B 408 13.77 36.52 -4.34
CA ASP B 408 14.33 37.48 -3.39
C ASP B 408 15.03 36.78 -2.22
N ALA B 409 14.48 35.65 -1.77
CA ALA B 409 15.12 34.91 -0.68
C ALA B 409 16.45 34.30 -1.12
N VAL B 410 16.50 33.77 -2.34
CA VAL B 410 17.76 33.26 -2.85
C VAL B 410 18.79 34.38 -2.96
N ARG B 411 18.38 35.55 -3.45
CA ARG B 411 19.37 36.62 -3.58
C ARG B 411 19.84 37.12 -2.22
N ARG B 412 18.96 37.14 -1.20
CA ARG B 412 19.41 37.46 0.15
C ARG B 412 20.42 36.44 0.66
N ILE B 413 20.22 35.17 0.35
CA ILE B 413 21.19 34.16 0.79
C ILE B 413 22.51 34.37 0.06
N ALA B 414 22.44 34.67 -1.24
CA ALA B 414 23.66 34.86 -2.02
C ALA B 414 24.43 36.10 -1.58
N GLU B 415 23.71 37.19 -1.26
CA GLU B 415 24.35 38.40 -0.78
C GLU B 415 24.79 38.31 0.67
N GLY B 416 24.36 37.29 1.40
CA GLY B 416 24.79 37.09 2.76
C GLY B 416 26.18 36.49 2.83
N SER B 417 26.50 35.96 4.01
CA SER B 417 27.79 35.36 4.25
C SER B 417 27.84 33.95 3.64
N VAL B 418 28.97 33.62 3.00
CA VAL B 418 29.20 32.28 2.49
C VAL B 418 29.42 31.34 3.68
N ASP B 419 29.57 30.05 3.40
CA ASP B 419 29.72 29.08 4.48
C ASP B 419 31.18 29.01 4.94
#